data_4LMQ
#
_entry.id   4LMQ
#
_cell.length_a   64.949
_cell.length_b   73.101
_cell.length_c   106.626
_cell.angle_alpha   90.00
_cell.angle_beta   90.40
_cell.angle_gamma   90.00
#
_symmetry.space_group_name_H-M   'P 1 21 1'
#
loop_
_entity.id
_entity.type
_entity.pdbx_description
1 polymer 'Stromal cell-derived factor 1'
2 polymer 'hu30D8 Fab heavy chain'
3 polymer 'hu30D8 Fab light chain'
4 water water
#
loop_
_entity_poly.entity_id
_entity_poly.type
_entity_poly.pdbx_seq_one_letter_code
_entity_poly.pdbx_strand_id
1 'polypeptide(L)' RCPCRFFESHVARANVKHLKILNTPNCALQIVARLKNNNRQVCIDPKLKWIQEYLEKALNK D,F
2 'polypeptide(L)'
;EVQLVESGGGLVQPGGSLRLSCAASGFSLTVYSVHWVRQAPGKGLEWVGALWGSGGTEYNSNLKSRFTISRDTSKNTVYL
QMNSLRAEDTAVYYCARDQGLNYGSLFDYWGQGTLVTVSSASTKGPSVFPLAPSSKSTSGGTAALGCLVKDYFPEPVTVS
WNSGALTSGVHTFPAVLQSSGLYSLSSVVTVPSSSLGTQTYICNVNHKPSNTKVDKKVEPK
;
E,H
3 'polypeptide(L)'
;DIQMTQSPSSLSASVGDRVTITCRASESISYSLSWYQQKPGKAPKLLIYNAVKLESGVPSRFSGSGSGTDFTLTISSLQP
EDFATYYCKQYWNTPFTFGQGTKVEIKRTVAAPSVFIFPPSDEQLKSGTASVVCLLNNFYPREAKVQWKVDNALQSGNSQ
ESVTEQDSKDSTYSLSSTLTLSKADYEKHKVYACEVTHQGLSSPVTKSFNRGEC
;
I,L
#
# COMPACT_ATOMS: atom_id res chain seq x y z
N CYS A 4 -2.72 -12.43 -2.01
CA CYS A 4 -3.37 -11.28 -1.41
C CYS A 4 -4.27 -11.69 -0.24
N ARG A 5 -5.57 -11.63 -0.49
CA ARG A 5 -6.59 -12.08 0.44
C ARG A 5 -7.94 -12.14 -0.25
N PHE A 6 -8.89 -11.37 0.27
CA PHE A 6 -10.17 -11.18 -0.40
C PHE A 6 -10.13 -9.87 -1.18
N PHE A 7 -11.22 -9.51 -1.83
CA PHE A 7 -11.25 -8.28 -2.63
C PHE A 7 -12.26 -7.28 -2.07
N GLU A 8 -11.78 -6.08 -1.77
CA GLU A 8 -12.66 -5.00 -1.35
C GLU A 8 -13.62 -4.70 -2.49
N SER A 9 -14.91 -4.64 -2.18
CA SER A 9 -15.92 -4.47 -3.21
C SER A 9 -16.34 -3.01 -3.38
N HIS A 10 -16.63 -2.63 -4.64
CA HIS A 10 -17.16 -1.31 -4.99
C HIS A 10 -16.31 -0.13 -4.56
N VAL A 11 -15.02 -0.19 -4.88
CA VAL A 11 -14.13 0.95 -4.65
C VAL A 11 -14.08 1.84 -5.89
N ALA A 12 -14.45 3.10 -5.72
CA ALA A 12 -14.45 4.06 -6.82
C ALA A 12 -13.05 4.25 -7.39
N ARG A 13 -12.96 4.50 -8.70
CA ARG A 13 -11.67 4.69 -9.36
C ARG A 13 -11.01 5.99 -8.91
N ALA A 14 -11.82 7.02 -8.71
CA ALA A 14 -11.32 8.32 -8.30
C ALA A 14 -10.75 8.31 -6.88
N ASN A 15 -11.01 7.24 -6.13
CA ASN A 15 -10.49 7.12 -4.78
C ASN A 15 -9.16 6.37 -4.73
N VAL A 16 -8.64 6.01 -5.90
CA VAL A 16 -7.40 5.24 -5.97
C VAL A 16 -6.22 6.12 -6.38
N LYS A 17 -5.28 6.29 -5.47
CA LYS A 17 -4.10 7.10 -5.73
C LYS A 17 -3.18 6.40 -6.72
N HIS A 18 -2.78 5.18 -6.40
CA HIS A 18 -1.98 4.37 -7.31
C HIS A 18 -2.21 2.89 -7.02
N LEU A 19 -1.76 2.04 -7.94
CA LEU A 19 -1.86 0.59 -7.74
C LEU A 19 -0.51 0.01 -7.37
N LYS A 20 -0.54 -1.08 -6.59
CA LYS A 20 0.69 -1.72 -6.14
C LYS A 20 0.58 -3.23 -6.34
N ILE A 21 1.40 -3.76 -7.24
CA ILE A 21 1.42 -5.20 -7.50
C ILE A 21 2.49 -5.86 -6.65
N LEU A 22 2.08 -6.76 -5.77
CA LEU A 22 3.03 -7.43 -4.90
C LEU A 22 3.69 -8.60 -5.62
N ASN A 23 4.91 -8.96 -5.20
CA ASN A 23 5.59 -10.11 -5.73
C ASN A 23 5.18 -11.36 -4.95
N THR A 24 4.32 -12.16 -5.58
CA THR A 24 3.67 -13.36 -5.00
C THR A 24 4.02 -13.75 -3.57
N PRO A 25 3.30 -13.16 -2.60
CA PRO A 25 3.48 -13.49 -1.18
C PRO A 25 2.41 -14.44 -0.67
N LEU A 29 -2.51 -12.84 -9.72
CA LEU A 29 -2.30 -11.41 -9.56
C LEU A 29 -2.58 -10.93 -8.14
N GLN A 30 -1.63 -10.18 -7.59
CA GLN A 30 -1.81 -9.55 -6.28
C GLN A 30 -1.80 -8.03 -6.43
N ILE A 31 -2.99 -7.44 -6.50
CA ILE A 31 -3.10 -5.99 -6.69
C ILE A 31 -3.60 -5.28 -5.43
N VAL A 32 -2.88 -4.25 -5.03
CA VAL A 32 -3.24 -3.45 -3.87
C VAL A 32 -3.41 -1.99 -4.28
N ALA A 33 -4.52 -1.38 -3.88
CA ALA A 33 -4.80 0.01 -4.22
C ALA A 33 -4.60 0.92 -3.03
N ARG A 34 -3.87 2.02 -3.24
CA ARG A 34 -3.71 3.04 -2.23
C ARG A 34 -4.86 4.05 -2.34
N LEU A 35 -5.61 4.20 -1.26
CA LEU A 35 -6.81 5.05 -1.29
C LEU A 35 -6.49 6.49 -0.86
N LYS A 36 -7.16 7.45 -1.48
CA LYS A 36 -6.84 8.84 -1.29
C LYS A 36 -7.53 9.48 -0.09
N ASN A 37 -8.74 9.04 0.21
CA ASN A 37 -9.51 9.68 1.28
C ASN A 37 -9.08 9.28 2.69
N ASN A 38 -8.60 8.03 2.84
CA ASN A 38 -8.17 7.55 4.15
C ASN A 38 -6.75 6.96 4.19
N ASN A 39 -6.09 6.96 3.04
CA ASN A 39 -4.69 6.52 2.93
C ASN A 39 -4.43 5.06 3.28
N ARG A 40 -5.47 4.24 3.22
CA ARG A 40 -5.33 2.82 3.49
C ARG A 40 -4.79 2.07 2.27
N GLN A 41 -4.34 0.84 2.49
CA GLN A 41 -4.02 -0.06 1.39
C GLN A 41 -5.07 -1.14 1.29
N VAL A 42 -5.76 -1.20 0.15
CA VAL A 42 -6.87 -2.12 -0.04
C VAL A 42 -6.56 -3.11 -1.17
N CYS A 43 -6.92 -4.37 -0.99
CA CYS A 43 -6.78 -5.36 -2.04
C CYS A 43 -7.87 -5.17 -3.10
N ILE A 44 -7.44 -4.94 -4.34
CA ILE A 44 -8.36 -4.71 -5.45
C ILE A 44 -8.61 -6.00 -6.24
N ASP A 45 -9.79 -6.11 -6.84
CA ASP A 45 -10.11 -7.24 -7.71
C ASP A 45 -9.46 -7.09 -9.07
N PRO A 46 -8.61 -8.06 -9.45
CA PRO A 46 -7.82 -7.99 -10.68
C PRO A 46 -8.66 -7.99 -11.95
N LYS A 47 -9.78 -8.70 -11.92
CA LYS A 47 -10.59 -8.88 -13.12
C LYS A 47 -11.61 -7.76 -13.36
N LEU A 48 -11.57 -6.71 -12.54
CA LEU A 48 -12.38 -5.52 -12.78
C LEU A 48 -11.91 -4.86 -14.07
N LYS A 49 -12.84 -4.27 -14.80
CA LYS A 49 -12.56 -3.71 -16.12
C LYS A 49 -11.62 -2.51 -16.05
N TRP A 50 -11.81 -1.66 -15.05
CA TRP A 50 -11.04 -0.42 -14.96
C TRP A 50 -9.61 -0.64 -14.49
N ILE A 51 -9.34 -1.79 -13.87
CA ILE A 51 -7.98 -2.15 -13.48
C ILE A 51 -7.19 -2.61 -14.71
N GLN A 52 -7.84 -3.40 -15.56
CA GLN A 52 -7.22 -3.89 -16.77
C GLN A 52 -6.88 -2.74 -17.72
N GLU A 53 -7.66 -1.66 -17.67
CA GLU A 53 -7.40 -0.50 -18.52
C GLU A 53 -6.34 0.41 -17.91
N TYR A 54 -6.25 0.40 -16.58
CA TYR A 54 -5.25 1.18 -15.85
C TYR A 54 -3.86 0.63 -16.10
N LEU A 55 -3.74 -0.70 -16.07
CA LEU A 55 -2.46 -1.37 -16.28
C LEU A 55 -1.96 -1.22 -17.71
N GLU A 56 -2.87 -1.01 -18.66
CA GLU A 56 -2.50 -0.80 -20.05
C GLU A 56 -1.89 0.58 -20.25
N LYS A 57 -2.43 1.59 -19.58
CA LYS A 57 -1.91 2.94 -19.69
C LYS A 57 -0.48 3.03 -19.16
N ALA A 58 -0.19 2.20 -18.15
CA ALA A 58 1.13 2.21 -17.54
C ALA A 58 2.17 1.49 -18.39
N LEU A 59 1.75 0.40 -19.02
CA LEU A 59 2.63 -0.38 -19.89
C LEU A 59 2.68 0.19 -21.30
N ASN A 60 2.30 1.47 -21.42
CA ASN A 60 2.31 2.20 -22.69
C ASN A 60 1.45 1.62 -23.80
N LYS A 61 0.64 0.61 -23.48
CA LYS A 61 -0.21 -0.05 -24.46
C LYS A 61 -1.62 0.55 -24.51
N GLU B 1 37.37 -1.41 5.05
CA GLU B 1 37.49 -2.85 4.90
C GLU B 1 36.28 -3.58 5.46
N VAL B 2 35.81 -4.59 4.72
CA VAL B 2 34.65 -5.36 5.11
C VAL B 2 35.09 -6.67 5.79
N GLN B 3 34.52 -6.94 6.96
CA GLN B 3 34.86 -8.14 7.70
C GLN B 3 33.62 -8.86 8.23
N LEU B 4 33.57 -10.18 8.01
CA LEU B 4 32.48 -11.00 8.49
C LEU B 4 33.05 -12.18 9.27
N VAL B 5 32.61 -12.35 10.50
CA VAL B 5 33.13 -13.40 11.38
C VAL B 5 32.04 -14.28 11.99
N GLU B 6 31.92 -15.51 11.51
CA GLU B 6 30.94 -16.44 12.04
C GLU B 6 31.38 -17.04 13.38
N SER B 7 30.42 -17.59 14.12
CA SER B 7 30.68 -18.20 15.42
C SER B 7 29.50 -19.03 15.89
N GLY B 8 29.79 -20.03 16.73
CA GLY B 8 28.74 -20.85 17.31
C GLY B 8 28.50 -22.18 16.61
N GLY B 9 29.55 -22.72 15.99
CA GLY B 9 29.44 -24.01 15.33
C GLY B 9 29.90 -25.15 16.23
N GLY B 10 29.33 -26.33 16.04
CA GLY B 10 29.67 -27.50 16.84
C GLY B 10 28.90 -28.74 16.46
N LEU B 11 28.48 -29.51 17.47
CA LEU B 11 27.72 -30.73 17.26
C LEU B 11 26.38 -30.71 17.99
N VAL B 12 25.31 -31.06 17.27
CA VAL B 12 23.97 -31.09 17.83
C VAL B 12 23.24 -32.39 17.49
N GLN B 13 22.60 -32.99 18.48
CA GLN B 13 21.75 -34.16 18.29
C GLN B 13 20.51 -33.80 17.47
N PRO B 14 20.05 -34.73 16.60
CA PRO B 14 18.86 -34.52 15.77
C PRO B 14 17.65 -34.04 16.54
N GLY B 15 17.05 -32.95 16.08
CA GLY B 15 15.92 -32.34 16.76
C GLY B 15 16.36 -31.19 17.66
N GLY B 16 17.65 -31.18 18.01
CA GLY B 16 18.20 -30.15 18.86
C GLY B 16 18.31 -28.82 18.14
N SER B 17 18.80 -27.81 18.86
CA SER B 17 18.91 -26.47 18.29
C SER B 17 20.33 -25.94 18.31
N LEU B 18 20.63 -25.04 17.36
CA LEU B 18 21.93 -24.38 17.30
C LEU B 18 21.76 -23.00 16.68
N ARG B 19 22.42 -22.00 17.26
CA ARG B 19 22.34 -20.64 16.76
C ARG B 19 23.70 -20.06 16.38
N LEU B 20 23.83 -19.66 15.14
CA LEU B 20 25.08 -19.08 14.63
C LEU B 20 25.04 -17.56 14.71
N SER B 21 26.22 -16.96 14.85
CA SER B 21 26.34 -15.51 14.96
C SER B 21 27.29 -14.99 13.88
N CYS B 22 26.89 -13.92 13.19
CA CYS B 22 27.72 -13.34 12.14
C CYS B 22 27.98 -11.86 12.38
N ALA B 23 29.09 -11.55 13.05
CA ALA B 23 29.46 -10.16 13.33
C ALA B 23 29.98 -9.47 12.08
N ALA B 24 29.42 -8.32 11.76
CA ALA B 24 29.81 -7.58 10.56
C ALA B 24 30.56 -6.30 10.90
N SER B 25 31.46 -5.90 10.01
CA SER B 25 32.30 -4.73 10.23
C SER B 25 32.71 -4.06 8.91
N GLY B 26 32.62 -2.73 8.88
CA GLY B 26 33.06 -1.97 7.72
C GLY B 26 31.91 -1.50 6.82
N PHE B 27 30.68 -1.78 7.24
CA PHE B 27 29.50 -1.35 6.50
C PHE B 27 28.29 -1.34 7.43
N SER B 28 27.27 -0.59 7.04
CA SER B 28 26.06 -0.47 7.85
C SER B 28 25.12 -1.65 7.65
N LEU B 29 24.65 -2.22 8.75
CA LEU B 29 23.73 -3.35 8.69
C LEU B 29 22.33 -2.96 8.17
N THR B 30 22.05 -1.66 8.16
CA THR B 30 20.77 -1.17 7.67
C THR B 30 20.86 -0.72 6.21
N VAL B 31 22.08 -0.50 5.74
CA VAL B 31 22.30 -0.16 4.35
C VAL B 31 22.46 -1.43 3.51
N TYR B 32 23.30 -2.34 3.99
CA TYR B 32 23.56 -3.59 3.28
C TYR B 32 22.76 -4.76 3.86
N SER B 33 22.33 -5.66 2.98
CA SER B 33 21.61 -6.86 3.38
C SER B 33 22.60 -8.02 3.50
N VAL B 34 22.28 -8.98 4.35
CA VAL B 34 23.17 -10.11 4.57
C VAL B 34 22.45 -11.44 4.33
N HIS B 35 23.21 -12.45 3.91
CA HIS B 35 22.64 -13.76 3.60
C HIS B 35 23.34 -14.88 4.33
N TRP B 36 22.65 -16.00 4.50
CA TRP B 36 23.27 -17.21 5.03
C TRP B 36 23.31 -18.30 3.97
N VAL B 37 24.51 -18.81 3.71
CA VAL B 37 24.69 -19.86 2.72
C VAL B 37 25.49 -21.01 3.32
N ARG B 38 25.03 -22.24 3.11
CA ARG B 38 25.74 -23.40 3.61
C ARG B 38 26.27 -24.25 2.47
N GLN B 39 27.30 -25.03 2.75
CA GLN B 39 27.86 -25.94 1.75
C GLN B 39 28.22 -27.27 2.41
N ALA B 40 27.48 -28.32 2.06
CA ALA B 40 27.75 -29.66 2.59
C ALA B 40 29.13 -30.13 2.16
N PRO B 41 29.79 -30.96 2.99
CA PRO B 41 31.14 -31.47 2.69
C PRO B 41 31.24 -32.26 1.38
N GLY B 42 30.25 -32.13 0.50
CA GLY B 42 30.33 -32.68 -0.85
C GLY B 42 30.43 -31.54 -1.84
N LYS B 43 30.98 -30.42 -1.35
CA LYS B 43 31.08 -29.15 -2.09
C LYS B 43 29.88 -28.79 -2.97
N GLY B 44 28.72 -28.59 -2.34
CA GLY B 44 27.50 -28.16 -3.00
C GLY B 44 26.79 -27.10 -2.19
N LEU B 45 26.48 -25.98 -2.83
CA LEU B 45 25.99 -24.79 -2.13
C LEU B 45 24.47 -24.65 -2.05
N GLU B 46 24.00 -24.15 -0.92
CA GLU B 46 22.57 -23.94 -0.67
C GLU B 46 22.33 -22.60 -0.01
N TRP B 47 21.46 -21.80 -0.62
CA TRP B 47 21.03 -20.54 -0.03
C TRP B 47 19.89 -20.84 0.94
N VAL B 48 20.09 -20.56 2.22
CA VAL B 48 19.08 -20.90 3.22
C VAL B 48 18.23 -19.71 3.68
N GLY B 49 18.75 -18.50 3.54
CA GLY B 49 18.00 -17.32 3.94
C GLY B 49 18.62 -15.97 3.61
N ALA B 50 17.95 -14.91 4.05
CA ALA B 50 18.41 -13.55 3.78
C ALA B 50 17.78 -12.55 4.76
N LEU B 51 18.56 -11.55 5.15
CA LEU B 51 18.08 -10.51 6.06
C LEU B 51 18.32 -9.14 5.43
N TRP B 52 17.26 -8.55 4.88
CA TRP B 52 17.38 -7.27 4.18
C TRP B 52 17.64 -6.13 5.15
N GLY B 53 18.19 -5.03 4.63
CA GLY B 53 18.51 -3.89 5.46
C GLY B 53 17.30 -3.02 5.80
N SER B 54 16.15 -3.34 5.20
CA SER B 54 14.92 -2.56 5.39
C SER B 54 14.19 -2.61 6.77
N GLY B 55 14.05 -3.77 7.41
CA GLY B 55 14.58 -5.05 6.97
C GLY B 55 13.72 -6.25 7.33
N GLY B 56 13.11 -6.85 6.31
CA GLY B 56 12.36 -8.06 6.48
C GLY B 56 13.22 -9.27 6.21
N THR B 57 12.61 -10.38 5.84
CA THR B 57 13.34 -11.61 5.59
C THR B 57 12.75 -12.43 4.44
N GLU B 58 13.59 -13.18 3.76
CA GLU B 58 13.15 -14.15 2.75
C GLU B 58 13.83 -15.48 3.04
N TYR B 59 13.05 -16.56 3.01
CA TYR B 59 13.59 -17.87 3.37
C TYR B 59 13.55 -18.87 2.23
N ASN B 60 14.34 -19.94 2.39
CA ASN B 60 14.35 -21.05 1.44
C ASN B 60 13.14 -21.94 1.69
N SER B 61 12.33 -22.13 0.65
CA SER B 61 11.06 -22.85 0.76
C SER B 61 11.20 -24.27 1.29
N ASN B 62 12.36 -24.89 1.05
CA ASN B 62 12.57 -26.29 1.37
C ASN B 62 12.63 -26.61 2.86
N LEU B 63 13.41 -25.83 3.60
CA LEU B 63 13.42 -25.94 5.06
C LEU B 63 12.37 -25.00 5.64
N LYS B 64 11.11 -25.44 5.65
CA LYS B 64 9.99 -24.55 5.95
C LYS B 64 10.03 -23.90 7.33
N SER B 65 10.47 -22.64 7.34
CA SER B 65 10.42 -21.78 8.53
C SER B 65 11.17 -22.31 9.77
N ARG B 66 11.92 -23.39 9.59
CA ARG B 66 12.70 -23.95 10.69
C ARG B 66 13.82 -23.00 11.08
N PHE B 67 14.33 -22.28 10.08
CA PHE B 67 15.42 -21.34 10.29
C PHE B 67 14.87 -19.93 10.50
N THR B 68 15.45 -19.20 11.45
CA THR B 68 15.04 -17.83 11.74
C THR B 68 16.27 -16.94 11.89
N ILE B 69 16.36 -15.91 11.05
CA ILE B 69 17.49 -15.00 11.12
C ILE B 69 17.09 -13.61 11.63
N SER B 70 17.54 -13.28 12.83
CA SER B 70 17.29 -11.97 13.42
C SER B 70 18.52 -11.08 13.31
N ARG B 71 18.40 -9.84 13.76
CA ARG B 71 19.51 -8.92 13.71
C ARG B 71 19.66 -8.15 15.02
N ASP B 72 20.89 -7.70 15.29
CA ASP B 72 21.18 -6.88 16.45
C ASP B 72 22.13 -5.78 16.00
N THR B 73 21.57 -4.69 15.45
CA THR B 73 22.36 -3.58 14.93
C THR B 73 23.17 -2.92 16.03
N SER B 74 22.69 -3.04 17.27
CA SER B 74 23.40 -2.50 18.41
C SER B 74 24.78 -3.16 18.54
N LYS B 75 24.87 -4.44 18.17
CA LYS B 75 26.15 -5.13 18.11
C LYS B 75 26.54 -5.47 16.67
N ASN B 76 25.71 -5.03 15.73
CA ASN B 76 25.96 -5.23 14.29
C ASN B 76 26.20 -6.70 13.92
N THR B 77 25.52 -7.59 14.62
CA THR B 77 25.66 -9.03 14.39
C THR B 77 24.36 -9.63 13.87
N VAL B 78 24.48 -10.57 12.92
CA VAL B 78 23.32 -11.26 12.38
C VAL B 78 23.30 -12.70 12.86
N TYR B 79 22.14 -13.16 13.30
CA TYR B 79 22.03 -14.48 13.88
C TYR B 79 21.29 -15.46 12.98
N LEU B 80 21.36 -16.74 13.32
CA LEU B 80 20.67 -17.78 12.55
C LEU B 80 20.18 -18.87 13.51
N GLN B 81 18.92 -18.75 13.90
CA GLN B 81 18.32 -19.73 14.80
C GLN B 81 17.90 -20.97 14.02
N MET B 82 18.64 -22.05 14.21
CA MET B 82 18.34 -23.32 13.55
C MET B 82 17.62 -24.26 14.50
N ASN B 83 16.36 -24.55 14.19
CA ASN B 83 15.55 -25.42 15.05
C ASN B 83 15.07 -26.67 14.30
N SER B 84 14.81 -27.73 15.05
CA SER B 84 14.36 -29.00 14.50
C SER B 84 15.33 -29.56 13.46
N LEU B 85 16.61 -29.59 13.84
CA LEU B 85 17.68 -30.00 12.93
C LEU B 85 17.57 -31.47 12.51
N ARG B 86 17.98 -31.76 11.29
CA ARG B 86 18.05 -33.13 10.80
C ARG B 86 19.50 -33.50 10.48
N ALA B 87 19.71 -34.72 10.01
CA ALA B 87 21.05 -35.21 9.72
C ALA B 87 21.69 -34.50 8.53
N GLU B 88 20.88 -34.17 7.53
CA GLU B 88 21.37 -33.55 6.31
C GLU B 88 21.84 -32.12 6.51
N ASP B 89 21.40 -31.50 7.59
CA ASP B 89 21.76 -30.11 7.87
C ASP B 89 23.24 -29.97 8.23
N THR B 90 23.92 -31.09 8.37
CA THR B 90 25.36 -31.11 8.61
C THR B 90 26.10 -30.46 7.45
N ALA B 91 26.68 -29.28 7.69
CA ALA B 91 27.37 -28.53 6.65
C ALA B 91 28.18 -27.39 7.22
N VAL B 92 28.99 -26.75 6.37
CA VAL B 92 29.68 -25.52 6.75
C VAL B 92 28.79 -24.33 6.42
N TYR B 93 28.54 -23.48 7.40
CA TYR B 93 27.65 -22.33 7.22
C TYR B 93 28.40 -21.01 7.05
N TYR B 94 28.13 -20.32 5.95
CA TYR B 94 28.71 -19.02 5.68
C TYR B 94 27.67 -17.92 5.87
N CYS B 95 28.12 -16.77 6.37
CA CYS B 95 27.34 -15.55 6.23
C CYS B 95 27.95 -14.80 5.05
N ALA B 96 27.13 -14.07 4.30
CA ALA B 96 27.60 -13.37 3.12
C ALA B 96 26.87 -12.05 2.93
N ARG B 97 27.60 -11.03 2.49
CA ARG B 97 27.01 -9.71 2.29
C ARG B 97 26.47 -9.54 0.88
N ASP B 98 25.29 -8.95 0.78
CA ASP B 98 24.68 -8.65 -0.52
C ASP B 98 25.47 -7.54 -1.21
N GLN B 99 25.58 -7.60 -2.53
CA GLN B 99 26.35 -6.61 -3.29
C GLN B 99 25.67 -5.25 -3.28
N GLY B 100 24.36 -5.25 -3.10
CA GLY B 100 23.59 -4.02 -2.98
C GLY B 100 23.25 -3.29 -4.27
N LEU B 101 23.62 -3.84 -5.43
CA LEU B 101 23.28 -3.20 -6.69
C LEU B 101 21.84 -3.53 -7.06
N ASN B 102 21.30 -2.84 -8.07
CA ASN B 102 19.92 -3.07 -8.50
C ASN B 102 19.69 -4.44 -9.10
N TYR B 103 20.75 -5.07 -9.60
CA TYR B 103 20.65 -6.32 -10.34
C TYR B 103 20.01 -7.44 -9.55
N GLY B 104 20.39 -7.56 -8.28
CA GLY B 104 19.89 -8.64 -7.44
C GLY B 104 20.90 -9.05 -6.39
N SER B 105 20.62 -10.16 -5.69
CA SER B 105 21.48 -10.60 -4.60
C SER B 105 22.75 -11.29 -5.09
N LEU B 106 23.86 -10.56 -5.00
CA LEU B 106 25.17 -11.12 -5.30
C LEU B 106 26.03 -11.00 -4.06
N PHE B 107 26.91 -11.97 -3.84
CA PHE B 107 27.65 -12.03 -2.59
C PHE B 107 29.06 -11.45 -2.72
N ASP B 108 29.18 -10.20 -2.25
CA ASP B 108 30.42 -9.43 -2.28
C ASP B 108 31.50 -10.06 -1.41
N TYR B 109 31.19 -10.20 -0.12
CA TYR B 109 32.15 -10.69 0.85
C TYR B 109 31.58 -11.90 1.56
N TRP B 110 32.46 -12.76 2.07
CA TRP B 110 32.03 -13.95 2.79
C TRP B 110 32.80 -14.02 4.10
N GLY B 111 32.34 -14.90 5.00
CA GLY B 111 33.06 -15.21 6.21
C GLY B 111 33.97 -16.40 5.98
N GLN B 112 34.64 -16.86 7.03
CA GLN B 112 35.53 -18.00 6.93
C GLN B 112 34.75 -19.31 6.89
N GLY B 113 33.56 -19.30 7.50
CA GLY B 113 32.72 -20.48 7.56
C GLY B 113 32.82 -21.17 8.90
N THR B 114 31.69 -21.67 9.39
CA THR B 114 31.66 -22.38 10.66
C THR B 114 31.02 -23.75 10.49
N LEU B 115 31.64 -24.78 11.05
CA LEU B 115 31.19 -26.16 10.88
C LEU B 115 30.09 -26.55 11.86
N VAL B 116 29.01 -27.11 11.33
CA VAL B 116 27.88 -27.60 12.12
C VAL B 116 27.61 -29.07 11.81
N THR B 117 27.81 -29.93 12.81
CA THR B 117 27.62 -31.36 12.64
C THR B 117 26.37 -31.83 13.37
N VAL B 118 25.61 -32.75 12.77
CA VAL B 118 24.38 -33.24 13.38
C VAL B 118 24.31 -34.77 13.42
N SER B 119 24.58 -35.35 14.59
CA SER B 119 24.48 -36.80 14.76
C SER B 119 24.38 -37.25 16.21
N SER B 120 25.09 -38.33 16.56
CA SER B 120 24.83 -39.07 17.80
C SER B 120 25.82 -38.85 18.95
N ALA B 121 27.10 -39.07 18.71
CA ALA B 121 28.07 -39.05 19.82
C ALA B 121 29.39 -38.38 19.50
N SER B 122 30.02 -37.79 20.53
CA SER B 122 31.30 -37.14 20.37
C SER B 122 32.45 -38.13 20.51
N GLY B 125 37.05 -38.59 20.49
CA GLY B 125 38.49 -38.65 20.37
C GLY B 125 38.95 -39.83 19.52
N PRO B 126 39.98 -39.62 18.69
CA PRO B 126 40.47 -40.62 17.73
C PRO B 126 41.52 -41.57 18.30
N SER B 127 41.64 -42.74 17.68
CA SER B 127 42.70 -43.70 18.00
C SER B 127 43.76 -43.66 16.90
N VAL B 128 45.03 -43.57 17.29
CA VAL B 128 46.10 -43.46 16.32
C VAL B 128 46.96 -44.72 16.25
N PHE B 129 46.77 -45.49 15.19
CA PHE B 129 47.51 -46.74 14.98
C PHE B 129 48.60 -46.56 13.92
N PRO B 130 49.78 -47.13 14.17
CA PRO B 130 50.92 -47.02 13.24
C PRO B 130 50.73 -47.88 11.99
N LEU B 131 51.41 -47.51 10.91
CA LEU B 131 51.36 -48.28 9.68
C LEU B 131 52.73 -48.88 9.33
N ALA B 144 57.95 -44.11 2.54
CA ALA B 144 56.79 -44.82 2.03
C ALA B 144 56.01 -45.49 3.15
N LEU B 145 55.76 -44.75 4.23
CA LEU B 145 54.95 -45.25 5.33
C LEU B 145 53.85 -44.25 5.69
N GLY B 146 53.09 -44.55 6.74
CA GLY B 146 51.99 -43.68 7.14
C GLY B 146 51.48 -43.88 8.55
N CYS B 147 50.26 -43.40 8.80
CA CYS B 147 49.66 -43.43 10.13
C CYS B 147 48.13 -43.43 10.02
N LEU B 148 47.47 -44.21 10.88
CA LEU B 148 46.01 -44.37 10.82
C LEU B 148 45.30 -43.65 11.96
N VAL B 149 44.49 -42.65 11.63
CA VAL B 149 43.71 -41.92 12.62
C VAL B 149 42.27 -42.39 12.60
N LYS B 150 41.91 -43.24 13.55
CA LYS B 150 40.65 -43.97 13.47
C LYS B 150 39.65 -43.65 14.58
N ASP B 151 38.37 -43.75 14.23
CA ASP B 151 37.26 -43.67 15.20
C ASP B 151 37.18 -42.36 15.99
N TYR B 152 36.51 -41.37 15.43
CA TYR B 152 36.28 -40.10 16.10
C TYR B 152 35.09 -39.37 15.48
N PHE B 153 34.53 -38.41 16.21
CA PHE B 153 33.48 -37.56 15.64
C PHE B 153 33.89 -36.07 15.71
N PRO B 154 32.92 -35.11 15.83
CA PRO B 154 32.98 -33.83 15.12
C PRO B 154 34.27 -33.56 14.36
N GLU B 155 34.15 -33.45 13.04
CA GLU B 155 35.28 -33.71 12.13
C GLU B 155 36.14 -32.53 11.70
N PRO B 156 36.98 -32.01 12.60
CA PRO B 156 38.30 -31.62 12.09
C PRO B 156 39.41 -32.37 12.85
N VAL B 157 40.36 -32.94 12.12
CA VAL B 157 41.54 -33.53 12.77
C VAL B 157 42.83 -33.02 12.14
N THR B 158 43.70 -32.49 12.98
CA THR B 158 44.95 -31.90 12.50
C THR B 158 46.11 -32.88 12.59
N VAL B 159 46.60 -33.33 11.44
CA VAL B 159 47.73 -34.25 11.40
C VAL B 159 49.01 -33.56 10.94
N SER B 160 49.88 -33.25 11.90
CA SER B 160 51.16 -32.63 11.59
C SER B 160 52.31 -33.58 11.96
N TRP B 161 53.41 -33.49 11.24
CA TRP B 161 54.58 -34.32 11.51
C TRP B 161 55.72 -33.50 12.09
N ASN B 162 56.29 -33.98 13.19
CA ASN B 162 57.36 -33.29 13.90
C ASN B 162 56.96 -31.89 14.34
N SER B 163 55.75 -31.76 14.87
CA SER B 163 55.19 -30.48 15.31
C SER B 163 55.16 -29.44 14.20
N GLY B 164 54.84 -29.88 12.99
CA GLY B 164 54.73 -28.98 11.86
C GLY B 164 56.06 -28.70 11.17
N ALA B 165 56.92 -29.72 11.12
CA ALA B 165 58.24 -29.57 10.52
C ALA B 165 58.38 -30.37 9.22
N LEU B 166 57.82 -31.58 9.21
CA LEU B 166 57.86 -32.42 8.02
C LEU B 166 56.60 -32.23 7.18
N THR B 167 56.77 -31.73 5.95
CA THR B 167 55.64 -31.47 5.07
C THR B 167 55.82 -32.12 3.70
N SER B 168 57.07 -32.26 3.28
CA SER B 168 57.38 -32.85 1.97
C SER B 168 57.03 -34.33 1.91
N GLY B 169 56.07 -34.66 1.05
CA GLY B 169 55.64 -36.05 0.89
C GLY B 169 54.35 -36.36 1.63
N VAL B 170 53.89 -35.42 2.44
CA VAL B 170 52.69 -35.60 3.25
C VAL B 170 51.41 -35.63 2.41
N HIS B 171 50.62 -36.67 2.62
CA HIS B 171 49.30 -36.78 1.99
C HIS B 171 48.25 -37.12 3.04
N THR B 172 47.48 -36.12 3.44
CA THR B 172 46.43 -36.33 4.43
C THR B 172 45.08 -36.50 3.74
N PHE B 173 44.64 -37.75 3.63
CA PHE B 173 43.42 -38.08 2.90
C PHE B 173 42.17 -37.46 3.55
N PRO B 174 41.16 -37.13 2.72
CA PRO B 174 39.90 -36.61 3.23
C PRO B 174 39.26 -37.59 4.20
N ALA B 175 38.46 -37.07 5.13
CA ALA B 175 37.82 -37.92 6.12
C ALA B 175 36.69 -38.74 5.52
N VAL B 176 36.80 -40.06 5.65
CA VAL B 176 35.73 -40.94 5.22
C VAL B 176 34.86 -41.29 6.42
N LEU B 177 33.55 -41.14 6.25
CA LEU B 177 32.61 -41.47 7.31
C LEU B 177 32.30 -42.97 7.28
N GLN B 178 32.56 -43.63 8.40
CA GLN B 178 32.37 -45.08 8.49
C GLN B 178 30.93 -45.43 8.86
N SER B 179 30.65 -46.74 8.91
CA SER B 179 29.31 -47.22 9.24
C SER B 179 28.91 -46.86 10.67
N SER B 180 29.89 -46.81 11.56
CA SER B 180 29.65 -46.49 12.97
C SER B 180 29.12 -45.08 13.15
N GLY B 181 29.37 -44.23 12.16
CA GLY B 181 29.06 -42.82 12.26
C GLY B 181 30.29 -42.04 12.65
N LEU B 182 31.40 -42.75 12.86
CA LEU B 182 32.67 -42.11 13.17
C LEU B 182 33.52 -41.96 11.91
N TYR B 183 34.39 -40.96 11.89
CA TYR B 183 35.25 -40.71 10.74
C TYR B 183 36.56 -41.49 10.86
N SER B 184 37.33 -41.51 9.76
CA SER B 184 38.62 -42.18 9.76
C SER B 184 39.58 -41.58 8.75
N LEU B 185 40.85 -41.51 9.14
CA LEU B 185 41.90 -40.99 8.26
C LEU B 185 43.13 -41.86 8.31
N SER B 186 43.89 -41.83 7.21
CA SER B 186 45.19 -42.47 7.17
C SER B 186 46.18 -41.54 6.48
N SER B 187 47.07 -40.94 7.27
CA SER B 187 48.02 -39.96 6.76
C SER B 187 49.37 -40.59 6.42
N VAL B 188 49.85 -40.35 5.20
CA VAL B 188 51.11 -40.93 4.75
C VAL B 188 52.12 -39.86 4.34
N VAL B 189 53.40 -40.20 4.46
CA VAL B 189 54.49 -39.28 4.12
C VAL B 189 55.76 -40.04 3.72
N TYR B 201 59.80 -40.80 13.25
CA TYR B 201 58.75 -39.90 12.81
C TYR B 201 57.55 -39.97 13.76
N ILE B 202 57.29 -38.88 14.46
CA ILE B 202 56.18 -38.82 15.39
C ILE B 202 55.09 -37.88 14.87
N CYS B 203 53.94 -38.44 14.52
CA CYS B 203 52.83 -37.63 14.04
C CYS B 203 52.14 -36.93 15.20
N ASN B 204 51.74 -35.68 14.99
CA ASN B 204 51.06 -34.90 16.02
C ASN B 204 49.58 -34.78 15.75
N VAL B 205 48.84 -35.87 15.93
CA VAL B 205 47.41 -35.89 15.71
C VAL B 205 46.70 -34.97 16.70
N ASN B 206 45.98 -33.98 16.18
CA ASN B 206 45.29 -33.00 17.01
C ASN B 206 43.78 -32.99 16.79
N HIS B 207 43.02 -33.26 17.85
CA HIS B 207 41.58 -33.27 17.77
C HIS B 207 40.96 -32.38 18.85
N LYS B 208 40.79 -31.11 18.51
CA LYS B 208 40.27 -30.12 19.46
C LYS B 208 38.82 -30.32 19.97
N PRO B 209 37.88 -30.74 19.10
CA PRO B 209 36.50 -30.93 19.58
C PRO B 209 36.35 -31.94 20.73
N SER B 210 37.39 -32.72 21.00
CA SER B 210 37.36 -33.67 22.12
C SER B 210 38.60 -33.54 22.99
N ASN B 211 39.38 -32.48 22.74
CA ASN B 211 40.55 -32.16 23.54
C ASN B 211 41.59 -33.28 23.59
N THR B 212 42.38 -33.43 22.53
CA THR B 212 43.40 -34.45 22.48
C THR B 212 44.61 -34.01 21.65
N LYS B 213 45.75 -34.63 21.90
CA LYS B 213 46.95 -34.42 21.10
C LYS B 213 47.87 -35.62 21.25
N VAL B 214 47.73 -36.58 20.33
CA VAL B 214 48.48 -37.83 20.41
C VAL B 214 49.75 -37.79 19.58
N ASP B 215 50.86 -38.16 20.21
CA ASP B 215 52.15 -38.28 19.53
C ASP B 215 52.57 -39.73 19.40
N LYS B 216 52.20 -40.37 18.29
CA LYS B 216 52.51 -41.78 18.08
C LYS B 216 53.80 -41.97 17.30
N LYS B 217 54.82 -42.49 18.00
CA LYS B 217 56.10 -42.80 17.37
C LYS B 217 55.92 -44.01 16.45
N VAL B 218 56.46 -43.92 15.24
CA VAL B 218 56.30 -44.99 14.26
C VAL B 218 57.62 -45.70 13.94
N GLU B 219 57.69 -46.98 14.27
CA GLU B 219 58.87 -47.79 13.97
C GLU B 219 58.51 -49.00 13.12
N PRO B 220 59.40 -49.37 12.19
CA PRO B 220 59.19 -50.53 11.30
C PRO B 220 59.03 -51.83 12.09
N ARG C 1 4.06 12.74 -9.34
CA ARG C 1 5.51 12.84 -9.33
C ARG C 1 6.15 11.84 -10.29
N CYS C 2 7.06 12.33 -11.14
CA CYS C 2 7.78 11.49 -12.09
C CYS C 2 9.20 11.28 -11.57
N PRO C 3 9.50 10.07 -11.10
CA PRO C 3 10.74 9.81 -10.36
C PRO C 3 11.85 9.13 -11.14
N CYS C 4 11.54 8.44 -12.22
CA CYS C 4 12.43 7.41 -12.74
C CYS C 4 13.46 7.81 -13.80
N ARG C 5 13.23 8.92 -14.51
CA ARG C 5 14.10 9.34 -15.64
C ARG C 5 14.49 8.24 -16.64
N PHE C 6 15.23 7.23 -16.20
CA PHE C 6 15.61 6.09 -17.05
C PHE C 6 15.21 4.76 -16.43
N PHE C 7 15.23 3.71 -17.24
CA PHE C 7 14.81 2.38 -16.76
C PHE C 7 15.94 1.47 -16.29
N GLU C 8 15.58 0.32 -15.73
CA GLU C 8 16.54 -0.61 -15.15
C GLU C 8 16.15 -2.05 -15.53
N SER C 9 17.09 -2.99 -15.55
CA SER C 9 18.51 -2.77 -15.25
C SER C 9 19.52 -3.63 -16.05
N HIS C 10 19.37 -4.95 -16.11
CA HIS C 10 18.18 -5.74 -15.77
C HIS C 10 18.03 -6.16 -14.30
N VAL C 11 16.90 -5.79 -13.70
CA VAL C 11 16.59 -6.15 -12.31
C VAL C 11 15.98 -7.54 -12.23
N ALA C 12 16.55 -8.39 -11.38
CA ALA C 12 16.00 -9.71 -11.14
C ALA C 12 14.60 -9.59 -10.55
N ARG C 13 13.74 -10.52 -10.91
CA ARG C 13 12.37 -10.53 -10.41
C ARG C 13 12.36 -10.67 -8.89
N ALA C 14 13.26 -11.50 -8.38
CA ALA C 14 13.31 -11.82 -6.96
C ALA C 14 13.73 -10.63 -6.11
N ASN C 15 14.44 -9.68 -6.71
CA ASN C 15 14.89 -8.49 -5.96
C ASN C 15 13.78 -7.44 -5.85
N VAL C 16 12.64 -7.70 -6.49
CA VAL C 16 11.50 -6.80 -6.45
C VAL C 16 10.53 -7.16 -5.32
N LYS C 17 10.32 -6.23 -4.40
CA LYS C 17 9.37 -6.43 -3.30
C LYS C 17 7.95 -6.21 -3.81
N HIS C 18 7.76 -5.12 -4.54
CA HIS C 18 6.48 -4.83 -5.18
C HIS C 18 6.68 -3.76 -6.25
N LEU C 19 5.75 -3.74 -7.21
CA LEU C 19 5.83 -2.78 -8.31
C LEU C 19 4.69 -1.78 -8.22
N LYS C 20 5.01 -0.57 -7.78
CA LYS C 20 4.04 0.50 -7.72
C LYS C 20 3.69 0.95 -9.13
N ILE C 21 2.40 1.04 -9.42
CA ILE C 21 1.93 1.43 -10.74
C ILE C 21 1.35 2.84 -10.69
N LEU C 22 1.96 3.76 -11.42
CA LEU C 22 1.60 5.18 -11.33
C LEU C 22 0.59 5.63 -12.39
N ASN C 23 0.00 6.81 -12.16
CA ASN C 23 -0.99 7.40 -13.06
C ASN C 23 -0.58 8.81 -13.47
N THR C 24 0.50 9.31 -12.86
CA THR C 24 0.96 10.68 -13.08
C THR C 24 1.16 11.03 -14.55
N PRO C 25 0.78 12.27 -14.93
CA PRO C 25 0.84 12.74 -16.32
C PRO C 25 2.23 13.23 -16.74
N ASN C 26 2.50 13.19 -18.05
CA ASN C 26 3.77 13.60 -18.62
C ASN C 26 4.98 12.79 -18.14
N CYS C 27 4.74 11.53 -17.79
CA CYS C 27 5.81 10.61 -17.40
C CYS C 27 5.82 9.36 -18.29
N ALA C 28 6.96 9.08 -18.92
CA ALA C 28 7.10 7.91 -19.77
C ALA C 28 7.16 6.64 -18.94
N LEU C 29 7.60 6.76 -17.69
CA LEU C 29 7.80 5.59 -16.84
C LEU C 29 6.81 5.56 -15.67
N GLN C 30 5.93 4.57 -15.68
CA GLN C 30 4.88 4.48 -14.68
C GLN C 30 5.09 3.31 -13.73
N ILE C 31 5.99 2.40 -14.08
CA ILE C 31 6.24 1.21 -13.27
C ILE C 31 7.44 1.39 -12.35
N VAL C 32 7.16 1.52 -11.07
CA VAL C 32 8.20 1.81 -10.07
C VAL C 32 8.36 0.66 -9.09
N ALA C 33 9.54 0.06 -9.07
CA ALA C 33 9.78 -1.11 -8.21
C ALA C 33 10.54 -0.77 -6.94
N ARG C 34 10.11 -1.35 -5.83
CA ARG C 34 10.82 -1.20 -4.57
C ARG C 34 11.71 -2.41 -4.36
N LEU C 35 13.02 -2.19 -4.37
CA LEU C 35 13.97 -3.29 -4.32
C LEU C 35 14.18 -3.82 -2.90
N LYS C 36 14.41 -5.11 -2.79
CA LYS C 36 14.55 -5.75 -1.48
C LYS C 36 15.91 -5.56 -0.83
N ASN C 37 16.98 -5.77 -1.60
CA ASN C 37 18.32 -5.74 -1.03
C ASN C 37 18.82 -4.33 -0.66
N ASN C 38 18.64 -3.37 -1.54
CA ASN C 38 19.14 -2.01 -1.31
C ASN C 38 18.07 -0.99 -0.92
N ASN C 39 16.81 -1.42 -0.94
CA ASN C 39 15.66 -0.59 -0.58
C ASN C 39 15.42 0.61 -1.50
N ARG C 40 16.19 0.70 -2.58
CA ARG C 40 16.04 1.79 -3.54
C ARG C 40 14.75 1.65 -4.34
N GLN C 41 14.42 2.71 -5.07
CA GLN C 41 13.20 2.71 -5.86
C GLN C 41 13.51 3.10 -7.30
N VAL C 42 13.48 2.11 -8.20
CA VAL C 42 13.83 2.32 -9.59
C VAL C 42 12.69 1.89 -10.53
N CYS C 43 12.72 2.42 -11.75
CA CYS C 43 11.69 2.12 -12.74
C CYS C 43 12.10 1.00 -13.68
N ILE C 44 11.13 0.20 -14.09
CA ILE C 44 11.40 -0.94 -14.97
C ILE C 44 10.73 -0.79 -16.33
N ASP C 45 11.42 -1.25 -17.37
CA ASP C 45 10.92 -1.26 -18.73
C ASP C 45 9.60 -2.05 -18.80
N PRO C 46 8.53 -1.40 -19.27
CA PRO C 46 7.23 -2.06 -19.44
C PRO C 46 7.27 -3.07 -20.59
N LYS C 47 8.37 -3.06 -21.34
CA LYS C 47 8.56 -3.95 -22.47
C LYS C 47 8.87 -5.38 -22.03
N LEU C 48 9.36 -5.52 -20.81
CA LEU C 48 9.79 -6.83 -20.31
C LEU C 48 8.67 -7.87 -20.28
N LYS C 49 9.03 -9.11 -20.60
CA LYS C 49 8.07 -10.21 -20.67
C LYS C 49 7.37 -10.50 -19.34
N TRP C 50 8.15 -10.60 -18.27
CA TRP C 50 7.59 -10.95 -16.97
C TRP C 50 6.66 -9.85 -16.42
N ILE C 51 6.88 -8.62 -16.85
CA ILE C 51 6.01 -7.52 -16.48
C ILE C 51 4.77 -7.52 -17.37
N GLN C 52 4.98 -7.72 -18.67
CA GLN C 52 3.87 -7.83 -19.62
C GLN C 52 2.98 -9.02 -19.26
N GLU C 53 3.54 -9.99 -18.53
CA GLU C 53 2.82 -11.17 -18.08
C GLU C 53 1.58 -10.78 -17.26
N TYR C 54 1.75 -9.75 -16.43
CA TYR C 54 0.69 -9.30 -15.52
C TYR C 54 -0.54 -8.74 -16.22
N LEU C 55 -0.33 -8.09 -17.36
CA LEU C 55 -1.44 -7.52 -18.12
C LEU C 55 -2.30 -8.62 -18.74
N GLU C 56 -1.70 -9.35 -19.67
CA GLU C 56 -2.41 -10.37 -20.45
C GLU C 56 -2.95 -11.51 -19.59
N LYS C 57 -2.28 -11.78 -18.47
CA LYS C 57 -2.69 -12.87 -17.59
C LYS C 57 -2.64 -12.46 -16.12
N ALA C 58 -1.98 -13.28 -15.31
CA ALA C 58 -1.87 -13.02 -13.88
C ALA C 58 -0.63 -13.68 -13.28
N GLU D 1 -20.40 14.65 17.55
CA GLU D 1 -19.68 15.77 18.13
C GLU D 1 -18.74 16.41 17.12
N VAL D 2 -18.70 15.81 15.93
CA VAL D 2 -17.98 16.42 14.83
C VAL D 2 -18.70 17.70 14.43
N GLN D 3 -17.96 18.80 14.39
CA GLN D 3 -18.55 20.10 14.12
C GLN D 3 -17.68 20.91 13.16
N LEU D 4 -18.28 21.33 12.05
CA LEU D 4 -17.58 22.16 11.06
C LEU D 4 -18.20 23.55 11.07
N VAL D 5 -17.35 24.58 11.13
CA VAL D 5 -17.84 25.96 11.12
C VAL D 5 -17.14 26.83 10.09
N GLU D 6 -17.89 27.29 9.09
CA GLU D 6 -17.33 28.20 8.08
C GLU D 6 -17.37 29.65 8.56
N SER D 7 -16.47 30.47 8.01
CA SER D 7 -16.45 31.90 8.28
C SER D 7 -15.63 32.62 7.23
N GLY D 8 -15.82 33.93 7.11
CA GLY D 8 -15.10 34.73 6.13
C GLY D 8 -15.98 35.18 4.98
N GLY D 9 -17.24 34.73 4.97
CA GLY D 9 -18.17 35.14 3.94
C GLY D 9 -18.44 36.63 4.01
N GLY D 10 -18.79 37.21 2.86
CA GLY D 10 -19.08 38.63 2.80
C GLY D 10 -19.09 39.16 1.38
N LEU D 11 -19.20 40.48 1.24
CA LEU D 11 -19.22 41.12 -0.08
C LEU D 11 -17.80 41.30 -0.61
N VAL D 12 -17.62 41.01 -1.91
CA VAL D 12 -16.34 41.20 -2.58
C VAL D 12 -16.59 41.89 -3.91
N GLN D 13 -15.65 42.73 -4.33
CA GLN D 13 -15.74 43.37 -5.64
C GLN D 13 -15.29 42.40 -6.73
N PRO D 14 -15.82 42.56 -7.95
CA PRO D 14 -15.37 41.75 -9.09
C PRO D 14 -13.86 41.89 -9.31
N GLY D 15 -13.20 40.76 -9.53
CA GLY D 15 -11.75 40.76 -9.68
C GLY D 15 -11.06 40.71 -8.34
N GLY D 16 -11.84 40.79 -7.27
CA GLY D 16 -11.31 40.81 -5.91
C GLY D 16 -10.99 39.43 -5.37
N SER D 17 -10.44 39.38 -4.16
CA SER D 17 -10.08 38.11 -3.52
C SER D 17 -10.71 37.95 -2.14
N LEU D 18 -10.75 36.71 -1.67
CA LEU D 18 -11.31 36.40 -0.35
C LEU D 18 -10.84 35.04 0.15
N ARG D 19 -10.73 34.92 1.47
CA ARG D 19 -10.39 33.64 2.08
C ARG D 19 -11.49 33.18 3.03
N LEU D 20 -11.79 31.88 3.01
CA LEU D 20 -12.76 31.32 3.94
C LEU D 20 -12.06 30.39 4.92
N SER D 21 -12.72 30.08 6.04
CA SER D 21 -12.17 29.18 7.04
C SER D 21 -13.13 28.02 7.32
N CYS D 22 -12.60 26.96 7.93
CA CYS D 22 -13.42 25.81 8.32
C CYS D 22 -12.81 25.15 9.54
N ALA D 23 -13.18 25.63 10.72
CA ALA D 23 -12.65 25.08 11.98
C ALA D 23 -13.35 23.76 12.32
N ALA D 24 -12.58 22.68 12.35
CA ALA D 24 -13.12 21.36 12.62
C ALA D 24 -12.77 20.88 14.03
N SER D 25 -13.75 20.33 14.73
CA SER D 25 -13.48 19.76 16.04
C SER D 25 -14.12 18.38 16.15
N GLY D 26 -13.62 17.57 17.09
CA GLY D 26 -14.17 16.25 17.32
C GLY D 26 -13.53 15.18 16.47
N PHE D 27 -12.59 15.59 15.62
CA PHE D 27 -11.86 14.67 14.76
C PHE D 27 -10.62 15.38 14.23
N SER D 28 -9.65 14.61 13.77
CA SER D 28 -8.39 15.16 13.28
C SER D 28 -8.34 15.21 11.75
N LEU D 29 -7.76 16.29 11.21
CA LEU D 29 -7.56 16.41 9.78
C LEU D 29 -6.49 15.44 9.27
N THR D 30 -5.75 14.85 10.20
CA THR D 30 -4.67 13.93 9.86
C THR D 30 -5.25 12.56 9.50
N VAL D 31 -6.48 12.32 9.96
CA VAL D 31 -7.16 11.06 9.72
C VAL D 31 -8.24 11.22 8.65
N TYR D 32 -8.96 12.34 8.71
CA TYR D 32 -10.10 12.58 7.83
C TYR D 32 -9.85 13.68 6.79
N SER D 33 -10.34 13.44 5.58
CA SER D 33 -10.23 14.41 4.50
C SER D 33 -11.40 15.39 4.55
N VAL D 34 -11.19 16.58 4.00
CA VAL D 34 -12.22 17.63 4.02
C VAL D 34 -12.42 18.20 2.61
N HIS D 35 -13.68 18.44 2.25
CA HIS D 35 -14.02 18.94 0.91
C HIS D 35 -14.73 20.27 0.98
N TRP D 36 -14.62 21.05 -0.09
CA TRP D 36 -15.37 22.29 -0.24
C TRP D 36 -16.43 22.13 -1.32
N VAL D 37 -17.67 22.48 -0.98
CA VAL D 37 -18.76 22.45 -1.96
C VAL D 37 -19.45 23.81 -1.99
N ARG D 38 -19.73 24.31 -3.19
CA ARG D 38 -20.46 25.57 -3.33
C ARG D 38 -21.81 25.38 -4.02
N GLN D 39 -22.74 26.26 -3.70
CA GLN D 39 -24.08 26.24 -4.28
C GLN D 39 -24.53 27.67 -4.59
N ALA D 40 -24.66 27.98 -5.87
CA ALA D 40 -25.18 29.28 -6.29
C ALA D 40 -26.61 29.43 -5.77
N PRO D 41 -27.04 30.66 -5.46
CA PRO D 41 -28.37 30.88 -4.89
C PRO D 41 -29.49 30.37 -5.80
N GLY D 42 -30.26 29.39 -5.32
CA GLY D 42 -31.35 28.83 -6.07
C GLY D 42 -30.89 27.90 -7.18
N LYS D 43 -29.66 27.40 -7.04
CA LYS D 43 -29.08 26.53 -8.05
C LYS D 43 -28.66 25.18 -7.47
N GLY D 44 -27.80 24.48 -8.21
CA GLY D 44 -27.35 23.16 -7.81
C GLY D 44 -26.05 23.18 -7.04
N LEU D 45 -25.59 21.98 -6.69
CA LEU D 45 -24.39 21.81 -5.90
C LEU D 45 -23.17 21.60 -6.79
N GLU D 46 -22.03 22.15 -6.37
CA GLU D 46 -20.81 22.07 -7.18
C GLU D 46 -19.60 21.71 -6.31
N TRP D 47 -19.00 20.55 -6.55
CA TRP D 47 -17.83 20.12 -5.81
C TRP D 47 -16.61 20.96 -6.17
N VAL D 48 -16.09 21.72 -5.20
CA VAL D 48 -14.97 22.62 -5.48
C VAL D 48 -13.64 21.87 -5.50
N GLY D 49 -13.36 21.11 -4.45
CA GLY D 49 -12.09 20.42 -4.34
C GLY D 49 -11.91 19.68 -3.03
N ALA D 50 -10.88 18.84 -2.96
CA ALA D 50 -10.67 17.98 -1.79
C ALA D 50 -9.32 18.21 -1.12
N LEU D 51 -9.29 17.96 0.19
CA LEU D 51 -8.04 18.07 0.94
C LEU D 51 -7.85 16.82 1.78
N TRP D 52 -6.98 15.93 1.32
CA TRP D 52 -6.81 14.62 1.96
C TRP D 52 -6.05 14.72 3.30
N GLY D 53 -6.11 13.64 4.08
CA GLY D 53 -5.41 13.59 5.35
C GLY D 53 -3.92 13.31 5.19
N SER D 54 -3.57 12.76 4.03
CA SER D 54 -2.17 12.43 3.73
C SER D 54 -1.12 13.56 3.88
N GLY D 55 -1.33 14.74 3.30
CA GLY D 55 -2.50 15.09 2.53
C GLY D 55 -2.22 16.06 1.40
N GLY D 56 -2.58 15.64 0.19
CA GLY D 56 -2.48 16.51 -0.96
C GLY D 56 -3.82 17.15 -1.25
N THR D 57 -3.95 17.73 -2.45
CA THR D 57 -5.15 18.45 -2.84
C THR D 57 -5.70 17.95 -4.16
N GLU D 58 -7.02 17.89 -4.26
CA GLU D 58 -7.68 17.58 -5.52
C GLU D 58 -8.60 18.74 -5.88
N TYR D 59 -8.56 19.18 -7.13
CA TYR D 59 -9.36 20.32 -7.57
C TYR D 59 -10.34 19.97 -8.69
N ASN D 60 -11.43 20.72 -8.75
CA ASN D 60 -12.34 20.67 -9.89
C ASN D 60 -11.70 21.45 -11.02
N SER D 61 -11.49 20.81 -12.16
CA SER D 61 -10.76 21.41 -13.27
C SER D 61 -11.45 22.61 -13.91
N ASN D 62 -12.75 22.73 -13.72
CA ASN D 62 -13.53 23.77 -14.39
C ASN D 62 -13.41 25.15 -13.74
N LEU D 63 -12.73 25.19 -12.60
CA LEU D 63 -12.61 26.44 -11.84
C LEU D 63 -11.40 27.27 -12.27
N LYS D 64 -10.62 26.75 -13.22
CA LYS D 64 -9.45 27.44 -13.77
C LYS D 64 -8.40 27.77 -12.71
N SER D 65 -8.36 26.97 -11.64
CA SER D 65 -7.44 27.18 -10.52
C SER D 65 -7.48 28.58 -9.92
N ARG D 66 -8.67 29.18 -9.89
CA ARG D 66 -8.86 30.50 -9.31
C ARG D 66 -9.15 30.35 -7.83
N PHE D 67 -9.07 29.11 -7.36
CA PHE D 67 -9.26 28.80 -5.95
C PHE D 67 -8.08 27.97 -5.45
N THR D 68 -7.77 28.10 -4.16
CA THR D 68 -6.70 27.32 -3.56
C THR D 68 -7.14 26.77 -2.21
N ILE D 69 -7.02 25.46 -2.05
CA ILE D 69 -7.38 24.81 -0.80
C ILE D 69 -6.10 24.53 0.00
N SER D 70 -6.17 24.78 1.30
CA SER D 70 -5.01 24.74 2.18
C SER D 70 -5.40 24.20 3.55
N ARG D 71 -4.39 23.82 4.35
CA ARG D 71 -4.65 23.23 5.65
C ARG D 71 -3.61 23.63 6.70
N ASP D 72 -4.09 23.88 7.92
CA ASP D 72 -3.20 24.12 9.07
C ASP D 72 -3.59 23.13 10.16
N THR D 73 -2.82 22.05 10.26
CA THR D 73 -3.12 20.96 11.17
C THR D 73 -3.09 21.38 12.64
N SER D 74 -2.26 22.36 12.94
CA SER D 74 -2.11 22.85 14.32
C SER D 74 -3.36 23.60 14.78
N LYS D 75 -4.14 24.09 13.83
CA LYS D 75 -5.40 24.75 14.14
C LYS D 75 -6.55 23.80 13.87
N ASN D 76 -6.23 22.67 13.23
CA ASN D 76 -7.22 21.73 12.72
C ASN D 76 -8.26 22.45 11.84
N THR D 77 -7.77 23.39 11.04
CA THR D 77 -8.62 24.26 10.23
C THR D 77 -8.25 24.19 8.75
N VAL D 78 -9.27 24.23 7.90
CA VAL D 78 -9.10 24.18 6.46
C VAL D 78 -9.43 25.57 5.88
N TYR D 79 -8.77 25.94 4.80
CA TYR D 79 -9.03 27.22 4.15
C TYR D 79 -9.38 27.06 2.68
N LEU D 80 -9.93 28.12 2.10
CA LEU D 80 -10.18 28.20 0.67
C LEU D 80 -9.86 29.63 0.23
N GLN D 81 -8.82 29.78 -0.58
CA GLN D 81 -8.45 31.09 -1.08
C GLN D 81 -9.13 31.33 -2.42
N MET D 82 -9.89 32.42 -2.51
CA MET D 82 -10.62 32.75 -3.73
C MET D 82 -9.93 33.92 -4.42
N ASN D 83 -9.62 33.75 -5.70
CA ASN D 83 -8.93 34.79 -6.47
C ASN D 83 -9.70 35.24 -7.70
N SER D 84 -9.55 36.52 -8.05
CA SER D 84 -10.19 37.13 -9.23
C SER D 84 -11.62 36.67 -9.45
N LEU D 85 -12.48 36.97 -8.48
CA LEU D 85 -13.85 36.49 -8.48
C LEU D 85 -14.71 37.10 -9.58
N ARG D 86 -15.66 36.32 -10.07
CA ARG D 86 -16.65 36.80 -11.03
C ARG D 86 -17.99 36.88 -10.32
N ALA D 87 -18.98 37.46 -10.98
CA ALA D 87 -20.33 37.52 -10.44
C ALA D 87 -20.89 36.11 -10.26
N GLU D 88 -20.49 35.20 -11.13
CA GLU D 88 -20.98 33.82 -11.09
C GLU D 88 -20.45 33.06 -9.87
N ASP D 89 -19.44 33.61 -9.21
CA ASP D 89 -18.88 32.98 -8.02
C ASP D 89 -19.70 33.26 -6.76
N THR D 90 -20.76 34.06 -6.89
CA THR D 90 -21.66 34.33 -5.78
C THR D 90 -22.42 33.07 -5.41
N ALA D 91 -22.19 32.56 -4.20
CA ALA D 91 -22.73 31.27 -3.79
C ALA D 91 -22.56 31.04 -2.30
N VAL D 92 -23.29 30.06 -1.78
CA VAL D 92 -23.07 29.62 -0.41
C VAL D 92 -21.96 28.59 -0.44
N TYR D 93 -20.95 28.76 0.42
CA TYR D 93 -19.80 27.88 0.41
C TYR D 93 -19.76 26.98 1.64
N TYR D 94 -19.97 25.69 1.41
CA TYR D 94 -19.94 24.71 2.49
C TYR D 94 -18.58 23.99 2.51
N CYS D 95 -18.17 23.57 3.70
CA CYS D 95 -17.12 22.57 3.80
C CYS D 95 -17.74 21.29 4.38
N ALA D 96 -17.25 20.13 3.93
CA ALA D 96 -17.77 18.87 4.40
C ALA D 96 -16.68 17.83 4.61
N ARG D 97 -16.77 17.09 5.72
CA ARG D 97 -15.80 16.04 6.02
C ARG D 97 -16.05 14.80 5.17
N ASP D 98 -14.96 14.20 4.69
CA ASP D 98 -15.02 12.94 3.97
C ASP D 98 -15.18 11.81 4.99
N GLN D 99 -16.23 11.02 4.84
CA GLN D 99 -16.52 9.94 5.78
C GLN D 99 -15.35 8.96 5.92
N GLY D 100 -14.57 8.82 4.85
CA GLY D 100 -13.38 7.99 4.89
C GLY D 100 -13.64 6.51 4.68
N LEU D 101 -14.77 6.18 4.07
CA LEU D 101 -15.07 4.80 3.72
C LEU D 101 -14.27 4.45 2.46
N ASN D 102 -13.89 3.18 2.32
CA ASN D 102 -13.10 2.76 1.16
C ASN D 102 -13.80 3.01 -0.15
N TYR D 103 -15.14 3.06 -0.12
CA TYR D 103 -15.95 3.25 -1.32
C TYR D 103 -15.51 4.47 -2.12
N GLY D 104 -15.25 5.56 -1.41
CA GLY D 104 -14.89 6.80 -2.05
C GLY D 104 -15.31 7.96 -1.18
N SER D 105 -15.32 9.16 -1.76
CA SER D 105 -15.61 10.38 -1.01
C SER D 105 -17.11 10.53 -0.72
N LEU D 106 -17.45 10.53 0.57
CA LEU D 106 -18.84 10.69 1.00
C LEU D 106 -18.91 11.72 2.13
N PHE D 107 -19.80 12.69 1.99
CA PHE D 107 -19.84 13.82 2.90
C PHE D 107 -20.83 13.57 4.04
N ASP D 108 -20.32 13.12 5.17
CA ASP D 108 -21.17 12.77 6.31
C ASP D 108 -21.43 13.97 7.25
N TYR D 109 -20.45 14.87 7.36
CA TYR D 109 -20.61 16.04 8.23
C TYR D 109 -20.42 17.34 7.46
N TRP D 110 -21.38 18.25 7.59
CA TRP D 110 -21.32 19.53 6.87
C TRP D 110 -21.30 20.73 7.83
N GLY D 111 -20.86 21.87 7.30
CA GLY D 111 -20.91 23.12 8.05
C GLY D 111 -22.21 23.87 7.75
N GLN D 112 -22.45 24.93 8.50
CA GLN D 112 -23.67 25.73 8.32
C GLN D 112 -23.72 26.44 6.97
N GLY D 113 -22.56 26.74 6.41
CA GLY D 113 -22.48 27.44 5.14
C GLY D 113 -22.23 28.93 5.30
N THR D 114 -21.39 29.48 4.43
CA THR D 114 -21.09 30.92 4.43
C THR D 114 -21.29 31.49 3.03
N LEU D 115 -21.81 32.72 2.96
CA LEU D 115 -22.25 33.29 1.69
C LEU D 115 -21.32 34.38 1.14
N VAL D 116 -20.78 34.12 -0.06
CA VAL D 116 -19.93 35.09 -0.75
C VAL D 116 -20.70 35.74 -1.88
N THR D 117 -20.79 37.07 -1.85
CA THR D 117 -21.47 37.83 -2.89
C THR D 117 -20.46 38.69 -3.64
N VAL D 118 -20.47 38.61 -4.97
CA VAL D 118 -19.55 39.38 -5.79
C VAL D 118 -20.28 40.45 -6.57
N SER D 119 -20.14 41.70 -6.14
CA SER D 119 -20.89 42.82 -6.71
C SER D 119 -20.17 44.14 -6.53
N SER D 120 -20.35 45.05 -7.48
CA SER D 120 -19.76 46.38 -7.39
C SER D 120 -20.58 47.33 -6.53
N ALA D 121 -21.68 46.83 -5.99
CA ALA D 121 -22.56 47.65 -5.16
C ALA D 121 -21.95 47.92 -3.78
N SER D 122 -22.50 48.90 -3.09
CA SER D 122 -22.00 49.26 -1.78
C SER D 122 -22.87 48.63 -0.70
N THR D 123 -22.26 48.37 0.45
CA THR D 123 -22.96 47.81 1.58
C THR D 123 -23.92 48.84 2.16
N LYS D 124 -25.13 48.40 2.51
CA LYS D 124 -26.08 49.27 3.20
C LYS D 124 -26.83 48.48 4.27
N GLY D 125 -27.02 49.11 5.43
CA GLY D 125 -27.70 48.48 6.53
C GLY D 125 -29.21 48.58 6.38
N PRO D 126 -29.94 47.62 6.95
CA PRO D 126 -31.39 47.56 6.82
C PRO D 126 -32.11 48.57 7.72
N SER D 127 -33.02 49.33 7.14
CA SER D 127 -33.94 50.13 7.95
C SER D 127 -35.01 49.19 8.46
N VAL D 128 -35.30 49.23 9.75
CA VAL D 128 -36.29 48.34 10.33
C VAL D 128 -37.56 49.10 10.72
N PHE D 129 -38.69 48.68 10.14
CA PHE D 129 -39.98 49.30 10.43
C PHE D 129 -40.97 48.29 11.02
N PRO D 130 -41.79 48.73 11.98
CA PRO D 130 -42.76 47.83 12.59
C PRO D 130 -44.00 47.63 11.72
N LEU D 131 -44.50 46.41 11.70
CA LEU D 131 -45.81 46.14 11.11
C LEU D 131 -46.81 46.02 12.25
N ALA D 132 -47.51 47.12 12.52
CA ALA D 132 -48.42 47.20 13.66
C ALA D 132 -49.64 46.30 13.54
N PRO D 133 -49.85 45.41 14.53
CA PRO D 133 -50.98 44.49 14.55
C PRO D 133 -52.29 45.16 14.92
N SER D 134 -52.80 46.02 14.03
CA SER D 134 -54.10 46.64 14.27
C SER D 134 -55.18 45.55 14.27
N SER D 135 -55.97 45.51 15.33
CA SER D 135 -56.94 44.43 15.52
C SER D 135 -57.98 44.20 14.40
N LYS D 136 -58.72 45.21 13.95
CA LYS D 136 -58.72 46.57 14.50
C LYS D 136 -59.82 46.72 15.54
N SER D 137 -60.67 45.70 15.61
CA SER D 137 -61.75 45.66 16.60
C SER D 137 -62.15 44.20 16.85
N THR D 138 -61.47 43.28 16.18
CA THR D 138 -61.74 41.87 16.32
C THR D 138 -60.60 41.12 17.03
N SER D 139 -60.90 40.59 18.21
CA SER D 139 -59.92 39.86 19.00
C SER D 139 -60.49 38.52 19.49
N GLY D 140 -59.93 37.43 18.95
CA GLY D 140 -60.39 36.09 19.28
C GLY D 140 -59.55 35.08 18.52
N GLY D 141 -59.43 35.29 17.22
CA GLY D 141 -58.53 34.49 16.40
C GLY D 141 -57.10 35.00 16.57
N THR D 142 -56.19 34.45 15.79
CA THR D 142 -54.79 34.85 15.89
C THR D 142 -54.55 36.25 15.30
N ALA D 143 -53.79 37.07 16.03
CA ALA D 143 -53.38 38.38 15.53
C ALA D 143 -52.07 38.26 14.76
N ALA D 144 -51.76 39.28 13.97
CA ALA D 144 -50.57 39.24 13.12
C ALA D 144 -49.74 40.51 13.21
N LEU D 145 -48.46 40.35 13.51
CA LEU D 145 -47.54 41.47 13.56
C LEU D 145 -46.19 41.04 12.98
N GLY D 146 -45.27 42.00 12.84
CA GLY D 146 -43.96 41.69 12.30
C GLY D 146 -43.04 42.87 12.10
N CYS D 147 -41.99 42.67 11.31
CA CYS D 147 -41.03 43.71 11.01
C CYS D 147 -40.80 43.83 9.51
N LEU D 148 -40.58 45.04 9.04
CA LEU D 148 -40.26 45.27 7.64
C LEU D 148 -38.79 45.63 7.49
N VAL D 149 -37.99 44.63 7.11
CA VAL D 149 -36.56 44.82 6.92
C VAL D 149 -36.29 45.30 5.50
N LYS D 150 -36.18 46.62 5.35
CA LYS D 150 -36.13 47.24 4.02
C LYS D 150 -34.78 47.86 3.70
N ASP D 151 -34.39 47.75 2.42
CA ASP D 151 -33.24 48.44 1.86
C ASP D 151 -31.89 48.04 2.48
N TYR D 152 -31.40 46.87 2.12
CA TYR D 152 -30.09 46.43 2.58
C TYR D 152 -29.33 45.65 1.50
N PHE D 153 -28.01 45.68 1.59
CA PHE D 153 -27.17 44.94 0.66
C PHE D 153 -25.83 44.61 1.30
N PRO D 154 -25.38 43.36 1.17
CA PRO D 154 -26.11 42.29 0.50
C PRO D 154 -26.73 41.31 1.49
N GLU D 155 -27.14 40.14 1.00
CA GLU D 155 -27.57 39.05 1.84
C GLU D 155 -26.39 38.57 2.68
N PRO D 156 -26.65 37.95 3.85
CA PRO D 156 -27.96 37.66 4.42
C PRO D 156 -28.30 38.56 5.60
N VAL D 157 -29.56 38.48 6.04
CA VAL D 157 -30.00 39.18 7.24
C VAL D 157 -30.63 38.17 8.20
N THR D 158 -30.23 38.24 9.47
CA THR D 158 -30.74 37.34 10.48
C THR D 158 -31.89 38.00 11.24
N VAL D 159 -33.07 37.41 11.16
CA VAL D 159 -34.23 37.92 11.89
C VAL D 159 -34.65 36.94 12.98
N SER D 160 -34.83 37.44 14.19
CA SER D 160 -35.30 36.64 15.31
C SER D 160 -36.47 37.33 15.98
N TRP D 161 -37.06 36.66 16.96
CA TRP D 161 -38.16 37.24 17.73
C TRP D 161 -38.04 36.88 19.21
N ASN D 162 -38.02 37.90 20.05
CA ASN D 162 -37.82 37.74 21.48
C ASN D 162 -36.58 36.93 21.83
N SER D 163 -35.49 37.25 21.14
CA SER D 163 -34.19 36.61 21.38
C SER D 163 -34.26 35.09 21.24
N GLY D 164 -35.16 34.60 20.39
CA GLY D 164 -35.26 33.18 20.12
C GLY D 164 -36.32 32.47 20.93
N ALA D 165 -36.92 33.17 21.89
CA ALA D 165 -37.98 32.59 22.71
C ALA D 165 -39.16 32.14 21.87
N LEU D 166 -39.48 32.92 20.83
CA LEU D 166 -40.51 32.56 19.88
C LEU D 166 -39.94 31.62 18.83
N THR D 167 -40.37 30.35 18.87
CA THR D 167 -39.85 29.34 17.96
C THR D 167 -40.95 28.78 17.05
N SER D 168 -42.14 29.37 17.14
CA SER D 168 -43.28 28.87 16.38
C SER D 168 -44.21 30.01 15.98
N GLY D 169 -44.77 29.90 14.78
CA GLY D 169 -45.71 30.90 14.28
C GLY D 169 -45.04 31.98 13.46
N VAL D 170 -43.71 31.90 13.33
CA VAL D 170 -42.95 32.92 12.63
C VAL D 170 -42.63 32.55 11.17
N HIS D 171 -42.94 33.48 10.27
CA HIS D 171 -42.57 33.33 8.86
C HIS D 171 -41.70 34.51 8.44
N THR D 172 -40.43 34.26 8.18
CA THR D 172 -39.53 35.27 7.66
C THR D 172 -39.33 35.05 6.17
N PHE D 173 -39.92 35.93 5.36
CA PHE D 173 -39.95 35.74 3.92
C PHE D 173 -38.59 35.93 3.27
N PRO D 174 -38.31 35.15 2.22
CA PRO D 174 -37.08 35.33 1.44
C PRO D 174 -37.04 36.73 0.85
N ALA D 175 -35.91 37.42 1.00
CA ALA D 175 -35.80 38.79 0.49
C ALA D 175 -36.02 38.84 -1.01
N VAL D 176 -36.53 39.97 -1.49
CA VAL D 176 -36.78 40.17 -2.90
C VAL D 176 -36.04 41.42 -3.35
N LEU D 177 -35.12 41.25 -4.29
CA LEU D 177 -34.31 42.36 -4.79
C LEU D 177 -35.17 43.40 -5.49
N GLN D 178 -35.17 44.62 -4.97
CA GLN D 178 -35.99 45.69 -5.53
C GLN D 178 -35.33 46.34 -6.75
N SER D 179 -36.05 47.28 -7.37
CA SER D 179 -35.54 47.96 -8.56
C SER D 179 -34.28 48.78 -8.26
N SER D 180 -34.21 49.29 -7.03
CA SER D 180 -33.08 50.09 -6.60
C SER D 180 -31.78 49.28 -6.49
N GLY D 181 -31.90 47.96 -6.40
CA GLY D 181 -30.75 47.08 -6.24
C GLY D 181 -30.55 46.69 -4.79
N LEU D 182 -31.54 47.02 -3.96
CA LEU D 182 -31.49 46.75 -2.53
C LEU D 182 -32.51 45.68 -2.18
N TYR D 183 -32.09 44.69 -1.38
CA TYR D 183 -33.00 43.63 -0.95
C TYR D 183 -33.99 44.14 0.08
N SER D 184 -35.05 43.36 0.30
CA SER D 184 -36.07 43.70 1.28
C SER D 184 -36.92 42.48 1.61
N LEU D 185 -37.27 42.35 2.89
CA LEU D 185 -38.13 41.24 3.33
C LEU D 185 -39.00 41.67 4.50
N SER D 186 -39.98 40.83 4.83
CA SER D 186 -40.79 41.04 6.02
C SER D 186 -40.74 39.79 6.89
N SER D 187 -40.88 39.98 8.20
CA SER D 187 -40.92 38.86 9.12
C SER D 187 -42.19 38.92 9.94
N VAL D 188 -43.17 38.10 9.58
CA VAL D 188 -44.45 38.08 10.27
C VAL D 188 -44.49 37.00 11.34
N VAL D 189 -45.43 37.14 12.27
CA VAL D 189 -45.63 36.15 13.31
C VAL D 189 -47.07 36.18 13.80
N THR D 190 -47.73 35.03 13.78
CA THR D 190 -49.11 34.94 14.26
C THR D 190 -49.14 34.54 15.73
N VAL D 191 -49.75 35.40 16.55
CA VAL D 191 -49.85 35.18 17.98
C VAL D 191 -51.30 35.33 18.43
N PRO D 192 -51.68 34.66 19.53
CA PRO D 192 -53.04 34.82 20.05
C PRO D 192 -53.32 36.27 20.42
N SER D 193 -54.44 36.80 19.94
CA SER D 193 -54.78 38.21 20.14
C SER D 193 -55.13 38.51 21.60
N SER D 194 -55.22 37.45 22.41
CA SER D 194 -55.51 37.59 23.83
C SER D 194 -54.43 38.41 24.54
N SER D 195 -53.21 38.37 24.01
CA SER D 195 -52.09 39.14 24.54
C SER D 195 -50.87 39.03 23.61
N LEU D 196 -50.38 40.11 22.99
CA LEU D 196 -50.92 41.49 22.99
C LEU D 196 -50.93 42.29 24.30
N GLY D 197 -52.03 42.26 25.03
CA GLY D 197 -52.18 43.03 26.25
C GLY D 197 -51.25 42.67 27.39
N THR D 198 -50.33 41.73 27.15
CA THR D 198 -49.37 41.32 28.17
C THR D 198 -47.98 41.09 27.56
N GLN D 199 -47.91 40.17 26.62
CA GLN D 199 -46.65 39.78 25.99
C GLN D 199 -46.06 40.91 25.13
N THR D 200 -44.77 41.14 25.29
CA THR D 200 -44.06 42.16 24.51
C THR D 200 -43.21 41.50 23.41
N TYR D 201 -43.54 41.81 22.16
CA TYR D 201 -42.83 41.23 21.03
C TYR D 201 -41.73 42.15 20.51
N ILE D 202 -40.52 41.62 20.40
CA ILE D 202 -39.39 42.37 19.86
C ILE D 202 -38.75 41.56 18.74
N CYS D 203 -38.36 42.23 17.66
CA CYS D 203 -37.64 41.56 16.58
C CYS D 203 -36.16 41.92 16.61
N ASN D 204 -35.32 40.94 16.29
CA ASN D 204 -33.87 41.14 16.33
C ASN D 204 -33.24 41.02 14.95
N VAL D 205 -33.02 42.14 14.29
CA VAL D 205 -32.42 42.15 12.96
C VAL D 205 -30.90 42.31 13.04
N ASN D 206 -30.17 41.45 12.32
CA ASN D 206 -28.72 41.51 12.29
C ASN D 206 -28.16 41.39 10.87
N HIS D 207 -27.36 42.38 10.48
CA HIS D 207 -26.75 42.39 9.15
C HIS D 207 -25.24 42.52 9.32
N LYS D 208 -24.54 41.40 9.20
CA LYS D 208 -23.09 41.37 9.41
C LYS D 208 -22.22 42.18 8.43
N PRO D 209 -22.54 42.15 7.12
CA PRO D 209 -21.71 42.93 6.20
C PRO D 209 -21.78 44.45 6.44
N SER D 210 -22.81 44.91 7.14
CA SER D 210 -22.98 46.34 7.41
C SER D 210 -22.65 46.67 8.87
N ASN D 211 -22.43 45.62 9.66
CA ASN D 211 -22.13 45.77 11.09
C ASN D 211 -23.25 46.43 11.89
N THR D 212 -24.49 46.32 11.40
CA THR D 212 -25.63 46.95 12.05
C THR D 212 -26.59 45.92 12.65
N LYS D 213 -27.07 46.24 13.85
CA LYS D 213 -28.03 45.40 14.56
C LYS D 213 -29.11 46.28 15.16
N VAL D 214 -30.37 45.97 14.86
CA VAL D 214 -31.49 46.81 15.28
C VAL D 214 -32.55 46.01 16.03
N ASP D 215 -32.86 46.46 17.24
CA ASP D 215 -33.94 45.85 18.02
C ASP D 215 -35.18 46.72 17.97
N LYS D 216 -36.21 46.23 17.30
CA LYS D 216 -37.45 46.98 17.14
C LYS D 216 -38.60 46.29 17.86
N LYS D 217 -39.24 47.00 18.78
CA LYS D 217 -40.40 46.47 19.50
C LYS D 217 -41.68 46.81 18.76
N VAL D 218 -42.46 45.78 18.45
CA VAL D 218 -43.70 45.97 17.71
C VAL D 218 -44.90 46.00 18.65
N GLU D 219 -45.55 47.16 18.72
CA GLU D 219 -46.71 47.35 19.59
C GLU D 219 -47.91 47.79 18.74
N PRO D 220 -49.11 47.39 19.16
CA PRO D 220 -50.35 47.74 18.44
C PRO D 220 -50.55 49.24 18.28
N ASP E 1 10.79 -24.43 -7.89
CA ASP E 1 12.23 -24.26 -7.71
C ASP E 1 12.97 -24.37 -9.04
N ILE E 2 13.89 -23.45 -9.27
CA ILE E 2 14.72 -23.48 -10.47
C ILE E 2 16.00 -24.24 -10.18
N GLN E 3 16.16 -25.38 -10.83
CA GLN E 3 17.36 -26.20 -10.65
C GLN E 3 18.41 -25.86 -11.69
N MET E 4 19.65 -25.68 -11.22
CA MET E 4 20.76 -25.35 -12.10
C MET E 4 21.56 -26.59 -12.43
N THR E 5 21.88 -26.76 -13.71
CA THR E 5 22.59 -27.93 -14.20
C THR E 5 23.88 -27.51 -14.88
N GLN E 6 24.98 -28.19 -14.55
CA GLN E 6 26.29 -27.85 -15.13
C GLN E 6 26.92 -29.00 -15.87
N SER E 7 27.66 -28.68 -16.92
CA SER E 7 28.41 -29.68 -17.68
C SER E 7 29.68 -29.06 -18.25
N PRO E 8 30.80 -29.79 -18.20
CA PRO E 8 30.93 -31.12 -17.58
C PRO E 8 31.04 -31.02 -16.07
N SER E 9 30.96 -32.15 -15.37
CA SER E 9 31.09 -32.17 -13.92
C SER E 9 32.54 -31.90 -13.54
N SER E 10 33.44 -32.21 -14.46
CA SER E 10 34.86 -31.99 -14.27
C SER E 10 35.58 -32.09 -15.61
N LEU E 11 36.62 -31.27 -15.79
CA LEU E 11 37.41 -31.35 -17.01
C LEU E 11 38.89 -31.15 -16.72
N SER E 12 39.72 -31.89 -17.45
CA SER E 12 41.16 -31.70 -17.35
C SER E 12 41.69 -30.98 -18.59
N ALA E 13 42.34 -29.84 -18.38
CA ALA E 13 42.95 -29.08 -19.46
C ALA E 13 44.34 -28.60 -19.08
N SER E 14 45.06 -28.05 -20.06
CA SER E 14 46.42 -27.58 -19.83
C SER E 14 46.50 -26.06 -19.89
N VAL E 15 47.56 -25.51 -19.31
CA VAL E 15 47.81 -24.07 -19.34
C VAL E 15 47.85 -23.59 -20.78
N GLY E 16 47.10 -22.52 -21.08
CA GLY E 16 47.06 -21.95 -22.41
C GLY E 16 45.92 -22.47 -23.25
N ASP E 17 45.16 -23.41 -22.71
CA ASP E 17 44.02 -23.97 -23.41
C ASP E 17 42.78 -23.11 -23.20
N ARG E 18 41.86 -23.14 -24.15
CA ARG E 18 40.58 -22.48 -23.95
C ARG E 18 39.61 -23.45 -23.29
N VAL E 19 38.75 -22.93 -22.42
CA VAL E 19 37.85 -23.77 -21.64
C VAL E 19 36.44 -23.18 -21.63
N THR E 20 35.44 -24.02 -21.84
CA THR E 20 34.05 -23.60 -21.80
C THR E 20 33.27 -24.45 -20.80
N ILE E 21 32.47 -23.80 -19.97
CA ILE E 21 31.62 -24.48 -19.00
C ILE E 21 30.16 -24.15 -19.30
N THR E 22 29.30 -25.16 -19.26
CA THR E 22 27.88 -24.96 -19.54
C THR E 22 27.07 -24.90 -18.25
N CYS E 23 26.19 -23.91 -18.15
CA CYS E 23 25.22 -23.84 -17.05
C CYS E 23 23.84 -23.59 -17.62
N ARG E 24 22.92 -24.53 -17.40
CA ARG E 24 21.55 -24.32 -17.84
C ARG E 24 20.57 -24.35 -16.68
N ALA E 25 19.51 -23.54 -16.80
CA ALA E 25 18.46 -23.48 -15.79
C ALA E 25 17.24 -24.26 -16.24
N SER E 26 16.50 -24.83 -15.29
CA SER E 26 15.30 -25.59 -15.59
C SER E 26 14.23 -24.71 -16.23
N GLU E 27 14.27 -23.41 -15.92
CA GLU E 27 13.38 -22.43 -16.54
C GLU E 27 14.07 -21.08 -16.68
N SER E 28 13.52 -20.20 -17.50
CA SER E 28 14.15 -18.93 -17.83
C SER E 28 14.48 -18.06 -16.62
N ILE E 29 15.71 -17.54 -16.60
CA ILE E 29 16.14 -16.63 -15.56
C ILE E 29 16.70 -15.34 -16.17
N SER E 30 16.36 -15.12 -17.43
CA SER E 30 16.79 -13.94 -18.20
C SER E 30 18.31 -13.74 -18.18
N TYR E 31 18.75 -12.70 -17.50
CA TYR E 31 20.18 -12.38 -17.44
C TYR E 31 20.74 -12.52 -16.02
N SER E 32 19.87 -12.90 -15.09
CA SER E 32 20.26 -12.97 -13.68
C SER E 32 20.99 -14.26 -13.32
N LEU E 33 22.17 -14.44 -13.90
CA LEU E 33 23.02 -15.58 -13.58
C LEU E 33 24.43 -15.07 -13.28
N SER E 34 25.06 -15.66 -12.28
CA SER E 34 26.40 -15.25 -11.88
C SER E 34 27.33 -16.45 -11.87
N TRP E 35 28.64 -16.19 -11.81
CA TRP E 35 29.63 -17.25 -11.74
C TRP E 35 30.54 -17.09 -10.52
N TYR E 36 30.68 -18.17 -9.74
CA TYR E 36 31.54 -18.15 -8.56
C TYR E 36 32.74 -19.10 -8.72
N GLN E 37 33.85 -18.77 -8.08
CA GLN E 37 35.04 -19.61 -8.10
C GLN E 37 35.39 -20.03 -6.68
N GLN E 38 35.71 -21.30 -6.50
CA GLN E 38 36.11 -21.80 -5.18
C GLN E 38 37.34 -22.69 -5.24
N LYS E 39 38.39 -22.29 -4.53
CA LYS E 39 39.59 -23.09 -4.35
C LYS E 39 39.46 -23.77 -2.98
N PRO E 40 40.07 -24.96 -2.82
CA PRO E 40 39.93 -25.77 -1.60
C PRO E 40 40.19 -24.99 -0.30
N GLY E 41 39.27 -25.12 0.66
CA GLY E 41 39.43 -24.52 1.97
C GLY E 41 39.05 -23.05 2.01
N LYS E 42 38.45 -22.55 0.95
CA LYS E 42 38.08 -21.14 0.87
C LYS E 42 36.60 -20.94 0.53
N ALA E 43 36.07 -19.78 0.90
CA ALA E 43 34.72 -19.39 0.52
C ALA E 43 34.70 -19.09 -0.98
N PRO E 44 33.52 -19.24 -1.63
CA PRO E 44 33.38 -18.93 -3.05
C PRO E 44 33.68 -17.45 -3.35
N LYS E 45 34.10 -17.16 -4.58
CA LYS E 45 34.40 -15.79 -4.97
C LYS E 45 33.62 -15.40 -6.23
N LEU E 46 32.90 -14.29 -6.14
CA LEU E 46 32.11 -13.81 -7.27
C LEU E 46 33.01 -13.38 -8.42
N LEU E 47 32.82 -13.97 -9.59
CA LEU E 47 33.63 -13.61 -10.76
C LEU E 47 32.82 -12.84 -11.79
N ILE E 48 31.70 -13.42 -12.22
CA ILE E 48 30.86 -12.81 -13.23
C ILE E 48 29.43 -12.72 -12.72
N TYR E 49 28.75 -11.62 -13.03
CA TYR E 49 27.33 -11.52 -12.71
C TYR E 49 26.59 -10.81 -13.82
N ASN E 50 25.27 -10.84 -13.76
CA ASN E 50 24.43 -10.30 -14.83
C ASN E 50 24.80 -10.94 -16.18
N ALA E 51 25.09 -12.25 -16.13
CA ALA E 51 25.44 -13.05 -17.30
C ALA E 51 26.79 -12.71 -17.95
N VAL E 52 27.06 -11.44 -18.20
CA VAL E 52 28.28 -11.06 -18.92
C VAL E 52 29.18 -10.05 -18.21
N LYS E 53 28.78 -9.60 -17.03
CA LYS E 53 29.55 -8.56 -16.34
C LYS E 53 30.65 -9.12 -15.43
N LEU E 54 31.88 -8.75 -15.73
CA LEU E 54 33.04 -9.19 -14.95
C LEU E 54 33.21 -8.31 -13.71
N GLU E 55 33.66 -8.92 -12.62
CA GLU E 55 33.99 -8.17 -11.42
C GLU E 55 35.33 -7.47 -11.59
N SER E 56 35.66 -6.58 -10.68
CA SER E 56 36.95 -5.90 -10.74
C SER E 56 38.06 -6.82 -10.24
N GLY E 57 39.18 -6.82 -10.97
CA GLY E 57 40.28 -7.70 -10.67
C GLY E 57 40.23 -8.99 -11.48
N VAL E 58 39.11 -9.23 -12.16
CA VAL E 58 38.97 -10.42 -12.98
C VAL E 58 39.57 -10.19 -14.38
N PRO E 59 40.52 -11.05 -14.78
CA PRO E 59 41.24 -10.90 -16.05
C PRO E 59 40.31 -10.92 -17.27
N SER E 60 40.73 -10.26 -18.34
CA SER E 60 39.92 -10.16 -19.56
C SER E 60 39.62 -11.53 -20.15
N ARG E 61 40.50 -12.49 -19.86
CA ARG E 61 40.39 -13.84 -20.43
C ARG E 61 39.12 -14.55 -19.99
N PHE E 62 38.55 -14.13 -18.87
CA PHE E 62 37.27 -14.68 -18.43
C PHE E 62 36.11 -14.04 -19.18
N SER E 63 35.34 -14.87 -19.88
CA SER E 63 34.16 -14.39 -20.61
C SER E 63 32.86 -14.85 -19.98
N GLY E 64 31.81 -14.05 -20.14
CA GLY E 64 30.47 -14.46 -19.75
C GLY E 64 29.51 -14.27 -20.91
N SER E 65 28.65 -15.25 -21.15
CA SER E 65 27.67 -15.13 -22.22
C SER E 65 26.43 -15.98 -21.94
N GLY E 66 25.33 -15.62 -22.58
CA GLY E 66 24.10 -16.37 -22.43
C GLY E 66 22.89 -15.54 -22.06
N SER E 67 21.73 -16.17 -22.15
CA SER E 67 20.45 -15.50 -21.92
C SER E 67 19.36 -16.54 -21.76
N GLY E 68 18.45 -16.28 -20.82
CA GLY E 68 17.26 -17.11 -20.67
C GLY E 68 17.48 -18.43 -19.98
N THR E 69 17.87 -19.45 -20.74
CA THR E 69 17.86 -20.80 -20.19
C THR E 69 19.22 -21.51 -20.18
N ASP E 70 20.18 -21.02 -20.97
CA ASP E 70 21.51 -21.61 -20.96
C ASP E 70 22.64 -20.58 -21.08
N PHE E 71 23.73 -20.82 -20.35
CA PHE E 71 24.82 -19.87 -20.26
C PHE E 71 26.17 -20.57 -20.34
N THR E 72 27.19 -19.86 -20.80
CA THR E 72 28.53 -20.43 -20.92
C THR E 72 29.61 -19.49 -20.36
N LEU E 73 30.52 -20.05 -19.57
CA LEU E 73 31.69 -19.33 -19.08
C LEU E 73 32.93 -19.78 -19.88
N THR E 74 33.60 -18.82 -20.50
CA THR E 74 34.75 -19.15 -21.35
C THR E 74 36.03 -18.51 -20.85
N ILE E 75 37.06 -19.34 -20.64
CA ILE E 75 38.39 -18.85 -20.31
C ILE E 75 39.29 -18.98 -21.53
N SER E 76 39.70 -17.85 -22.10
CA SER E 76 40.45 -17.83 -23.35
C SER E 76 41.79 -18.58 -23.28
N SER E 77 42.58 -18.27 -22.26
CA SER E 77 43.87 -18.91 -22.06
C SER E 77 44.04 -19.28 -20.60
N LEU E 78 43.83 -20.56 -20.30
CA LEU E 78 43.91 -21.05 -18.94
C LEU E 78 45.27 -20.74 -18.33
N GLN E 79 45.25 -20.24 -17.10
CA GLN E 79 46.48 -19.87 -16.40
C GLN E 79 46.54 -20.67 -15.10
N PRO E 80 47.74 -20.87 -14.54
CA PRO E 80 47.91 -21.66 -13.32
C PRO E 80 46.91 -21.32 -12.20
N GLU E 81 46.73 -20.03 -11.91
CA GLU E 81 45.86 -19.63 -10.81
C GLU E 81 44.37 -19.87 -11.08
N ASP E 82 44.03 -20.32 -12.29
CA ASP E 82 42.63 -20.50 -12.67
C ASP E 82 42.07 -21.88 -12.35
N PHE E 83 42.96 -22.84 -12.08
CA PHE E 83 42.53 -24.21 -11.82
C PHE E 83 41.78 -24.31 -10.51
N ALA E 84 40.46 -24.43 -10.61
CA ALA E 84 39.59 -24.52 -9.44
C ALA E 84 38.20 -25.03 -9.81
N THR E 85 37.24 -24.79 -8.91
CA THR E 85 35.86 -25.19 -9.13
C THR E 85 35.01 -23.96 -9.40
N TYR E 86 34.14 -24.05 -10.40
CA TYR E 86 33.25 -22.94 -10.78
C TYR E 86 31.80 -23.36 -10.63
N TYR E 87 30.98 -22.54 -9.98
CA TYR E 87 29.64 -22.97 -9.57
C TYR E 87 28.45 -22.44 -10.36
N CYS E 88 28.44 -21.15 -10.70
CA CYS E 88 27.27 -20.53 -11.34
C CYS E 88 26.02 -20.53 -10.45
N LYS E 89 25.45 -19.35 -10.23
CA LYS E 89 24.29 -19.21 -9.35
C LYS E 89 23.20 -18.38 -10.00
N GLN E 90 21.96 -18.80 -9.79
CA GLN E 90 20.80 -18.07 -10.28
C GLN E 90 20.25 -17.18 -9.17
N TYR E 91 19.99 -15.92 -9.49
CA TYR E 91 19.41 -15.00 -8.50
C TYR E 91 18.12 -14.34 -8.97
N TRP E 92 17.53 -14.92 -10.02
CA TRP E 92 16.32 -14.38 -10.63
C TRP E 92 15.06 -14.70 -9.82
N ASN E 93 15.06 -15.86 -9.18
CA ASN E 93 13.89 -16.32 -8.44
C ASN E 93 14.25 -16.94 -7.10
N THR E 94 13.30 -16.92 -6.18
CA THR E 94 13.47 -17.50 -4.86
C THR E 94 13.02 -18.97 -4.87
N PRO E 95 13.81 -19.86 -4.28
CA PRO E 95 15.12 -19.60 -3.65
C PRO E 95 16.29 -19.62 -4.63
N PHE E 96 17.34 -18.88 -4.30
CA PHE E 96 18.54 -18.82 -5.15
C PHE E 96 19.24 -20.17 -5.13
N THR E 97 19.63 -20.64 -6.30
CA THR E 97 20.19 -21.98 -6.43
C THR E 97 21.54 -21.98 -7.14
N PHE E 98 22.39 -22.93 -6.74
CA PHE E 98 23.73 -23.08 -7.30
C PHE E 98 23.79 -24.34 -8.14
N GLY E 99 24.70 -24.36 -9.10
CA GLY E 99 24.96 -25.56 -9.87
C GLY E 99 25.74 -26.56 -9.02
N GLN E 100 25.92 -27.78 -9.55
CA GLN E 100 26.61 -28.83 -8.82
C GLN E 100 28.13 -28.64 -8.86
N GLY E 101 28.59 -27.72 -9.69
CA GLY E 101 29.99 -27.36 -9.73
C GLY E 101 30.82 -28.07 -10.79
N THR E 102 31.58 -27.28 -11.55
CA THR E 102 32.49 -27.81 -12.55
C THR E 102 33.94 -27.66 -12.09
N LYS E 103 34.61 -28.78 -11.86
CA LYS E 103 35.99 -28.74 -11.38
C LYS E 103 37.01 -28.77 -12.52
N VAL E 104 37.73 -27.67 -12.71
CA VAL E 104 38.76 -27.60 -13.73
C VAL E 104 40.11 -28.05 -13.17
N GLU E 105 40.52 -29.27 -13.55
CA GLU E 105 41.77 -29.83 -13.07
C GLU E 105 42.87 -29.71 -14.13
N ILE E 106 44.12 -29.87 -13.70
CA ILE E 106 45.25 -29.71 -14.60
C ILE E 106 45.71 -31.02 -15.23
N LYS E 107 45.77 -31.04 -16.56
CA LYS E 107 46.19 -32.23 -17.29
C LYS E 107 47.69 -32.46 -17.22
N ARG E 108 48.07 -33.69 -16.91
CA ARG E 108 49.47 -34.08 -16.81
C ARG E 108 49.68 -35.34 -17.66
N THR E 109 50.93 -35.65 -17.97
CA THR E 109 51.24 -36.89 -18.67
C THR E 109 50.93 -38.10 -17.79
N VAL E 110 50.16 -39.03 -18.33
CA VAL E 110 49.74 -40.23 -17.59
C VAL E 110 50.94 -41.02 -17.10
N ALA E 111 50.98 -41.30 -15.79
CA ALA E 111 52.09 -42.01 -15.17
C ALA E 111 51.63 -43.15 -14.25
N ALA E 112 52.59 -43.92 -13.76
CA ALA E 112 52.31 -45.13 -12.99
C ALA E 112 52.13 -44.88 -11.50
N PRO E 113 51.13 -45.54 -10.89
CA PRO E 113 50.88 -45.55 -9.44
C PRO E 113 51.88 -46.41 -8.69
N SER E 114 52.27 -45.99 -7.50
CA SER E 114 53.16 -46.78 -6.65
C SER E 114 52.37 -47.45 -5.53
N VAL E 115 52.13 -48.75 -5.67
CA VAL E 115 51.28 -49.47 -4.73
C VAL E 115 52.06 -50.04 -3.55
N PHE E 116 51.55 -49.84 -2.34
CA PHE E 116 52.14 -50.37 -1.12
C PHE E 116 51.05 -50.92 -0.19
N ILE E 117 51.44 -51.82 0.72
CA ILE E 117 50.48 -52.41 1.64
C ILE E 117 50.92 -52.33 3.10
N PHE E 118 49.95 -52.30 4.00
CA PHE E 118 50.23 -52.21 5.44
C PHE E 118 49.38 -53.21 6.21
N PRO E 119 50.03 -54.07 7.01
CA PRO E 119 49.33 -54.98 7.92
C PRO E 119 48.79 -54.19 9.12
N PRO E 120 47.72 -54.68 9.75
CA PRO E 120 47.16 -54.02 10.93
C PRO E 120 48.08 -54.15 12.15
N SER E 121 48.23 -53.06 12.89
CA SER E 121 49.09 -53.05 14.07
C SER E 121 48.52 -53.92 15.19
N ASP E 122 49.41 -54.49 16.00
CA ASP E 122 49.00 -55.39 17.08
C ASP E 122 48.21 -54.66 18.16
N GLU E 123 48.47 -53.36 18.32
CA GLU E 123 47.77 -52.57 19.33
C GLU E 123 46.31 -52.32 18.92
N GLN E 124 46.04 -52.44 17.63
CA GLN E 124 44.67 -52.30 17.14
C GLN E 124 43.92 -53.62 17.29
N LEU E 125 44.63 -54.72 17.15
CA LEU E 125 44.04 -56.05 17.26
C LEU E 125 43.51 -56.32 18.67
N LYS E 126 44.03 -55.59 19.64
CA LYS E 126 43.57 -55.71 21.02
C LYS E 126 42.16 -55.16 21.19
N SER E 127 41.79 -54.21 20.35
CA SER E 127 40.47 -53.58 20.42
C SER E 127 39.40 -54.41 19.72
N GLY E 128 39.82 -55.46 19.02
CA GLY E 128 38.90 -56.39 18.38
C GLY E 128 38.55 -56.03 16.94
N THR E 129 39.48 -55.41 16.24
CA THR E 129 39.27 -55.03 14.84
C THR E 129 40.61 -54.86 14.12
N ALA E 130 40.69 -55.36 12.90
CA ALA E 130 41.90 -55.18 12.08
C ALA E 130 41.65 -54.23 10.92
N SER E 131 42.69 -53.54 10.49
CA SER E 131 42.59 -52.59 9.39
C SER E 131 43.73 -52.74 8.39
N VAL E 132 43.43 -53.35 7.25
CA VAL E 132 44.39 -53.48 6.17
C VAL E 132 44.29 -52.24 5.27
N VAL E 133 45.44 -51.63 4.96
CA VAL E 133 45.47 -50.42 4.17
C VAL E 133 46.33 -50.58 2.92
N CYS E 134 45.79 -50.20 1.78
CA CYS E 134 46.53 -50.25 0.52
C CYS E 134 46.74 -48.83 0.00
N LEU E 135 47.96 -48.52 -0.42
CA LEU E 135 48.32 -47.18 -0.83
C LEU E 135 48.55 -47.09 -2.35
N LEU E 136 48.02 -46.04 -2.96
CA LEU E 136 48.33 -45.73 -4.36
C LEU E 136 48.91 -44.32 -4.41
N ASN E 137 50.23 -44.22 -4.54
CA ASN E 137 50.90 -42.94 -4.40
C ASN E 137 51.27 -42.27 -5.72
N ASN E 138 51.03 -40.97 -5.79
CA ASN E 138 51.41 -40.13 -6.92
C ASN E 138 51.11 -40.70 -8.32
N PHE E 139 49.88 -40.51 -8.78
CA PHE E 139 49.46 -41.03 -10.09
C PHE E 139 48.47 -40.11 -10.81
N TYR E 140 48.23 -40.41 -12.09
CA TYR E 140 47.31 -39.63 -12.92
C TYR E 140 46.86 -40.46 -14.13
N PRO E 141 45.57 -40.39 -14.49
CA PRO E 141 44.50 -39.60 -13.86
C PRO E 141 43.93 -40.25 -12.59
N ARG E 142 42.86 -39.67 -12.06
CA ARG E 142 42.27 -40.12 -10.80
C ARG E 142 41.56 -41.46 -10.93
N GLU E 143 40.92 -41.70 -12.07
CA GLU E 143 40.15 -42.91 -12.29
C GLU E 143 41.00 -44.17 -12.21
N ALA E 144 40.79 -44.94 -11.15
CA ALA E 144 41.53 -46.17 -10.91
C ALA E 144 40.64 -47.20 -10.24
N LYS E 145 41.04 -48.47 -10.33
CA LYS E 145 40.30 -49.55 -9.69
C LYS E 145 41.11 -50.20 -8.57
N VAL E 146 40.44 -50.54 -7.48
CA VAL E 146 41.09 -51.26 -6.39
C VAL E 146 40.28 -52.49 -6.00
N GLN E 147 40.87 -53.66 -6.17
CA GLN E 147 40.20 -54.91 -5.82
C GLN E 147 40.96 -55.68 -4.74
N TRP E 148 40.26 -56.00 -3.66
CA TRP E 148 40.86 -56.72 -2.55
C TRP E 148 40.82 -58.24 -2.74
N LYS E 149 41.87 -58.91 -2.28
CA LYS E 149 41.95 -60.36 -2.37
C LYS E 149 42.40 -60.98 -1.04
N VAL E 150 41.49 -61.67 -0.37
CA VAL E 150 41.82 -62.41 0.84
C VAL E 150 41.80 -63.90 0.55
N ASP E 151 42.98 -64.52 0.57
CA ASP E 151 43.15 -65.90 0.14
C ASP E 151 42.59 -66.10 -1.28
N ASN E 152 42.91 -65.14 -2.15
CA ASN E 152 42.47 -65.16 -3.54
C ASN E 152 40.95 -65.12 -3.73
N ALA E 153 40.25 -64.57 -2.74
CA ALA E 153 38.81 -64.41 -2.81
C ALA E 153 38.42 -62.93 -2.96
N LEU E 154 37.44 -62.67 -3.82
CA LEU E 154 37.00 -61.30 -4.08
C LEU E 154 36.30 -60.67 -2.88
N GLN E 155 36.78 -59.50 -2.47
CA GLN E 155 36.20 -58.80 -1.34
C GLN E 155 35.27 -57.68 -1.79
N SER E 156 34.26 -57.40 -0.98
CA SER E 156 33.28 -56.37 -1.29
C SER E 156 32.45 -56.00 -0.07
N GLY E 157 32.03 -54.75 0.02
CA GLY E 157 31.19 -54.29 1.10
C GLY E 157 31.93 -53.92 2.37
N ASN E 158 33.25 -54.13 2.39
CA ASN E 158 34.06 -53.83 3.57
C ASN E 158 35.34 -53.07 3.26
N SER E 159 35.30 -52.23 2.23
CA SER E 159 36.47 -51.46 1.83
C SER E 159 36.07 -50.05 1.40
N GLN E 160 36.65 -49.05 2.07
CA GLN E 160 36.38 -47.66 1.75
C GLN E 160 37.58 -47.01 1.08
N GLU E 161 37.32 -46.14 0.11
CA GLU E 161 38.40 -45.45 -0.60
C GLU E 161 38.50 -43.99 -0.19
N SER E 162 39.64 -43.37 -0.51
CA SER E 162 39.86 -41.97 -0.20
C SER E 162 40.91 -41.38 -1.13
N VAL E 163 40.56 -40.30 -1.82
CA VAL E 163 41.45 -39.68 -2.80
C VAL E 163 41.79 -38.25 -2.40
N THR E 164 43.05 -37.87 -2.58
CA THR E 164 43.50 -36.51 -2.30
C THR E 164 43.39 -35.62 -3.53
N GLU E 165 43.56 -34.32 -3.33
CA GLU E 165 43.57 -33.35 -4.43
C GLU E 165 44.90 -33.40 -5.16
N GLN E 166 44.99 -32.69 -6.28
CA GLN E 166 46.23 -32.64 -7.05
C GLN E 166 47.32 -31.88 -6.30
N ASP E 167 48.47 -32.52 -6.16
CA ASP E 167 49.60 -31.91 -5.46
C ASP E 167 50.15 -30.73 -6.27
N SER E 168 50.56 -29.68 -5.57
CA SER E 168 51.00 -28.45 -6.23
C SER E 168 52.46 -28.49 -6.68
N LYS E 169 52.95 -29.68 -7.00
CA LYS E 169 54.32 -29.84 -7.47
C LYS E 169 54.38 -30.74 -8.71
N ASP E 170 53.59 -31.80 -8.70
CA ASP E 170 53.59 -32.77 -9.80
C ASP E 170 52.20 -33.08 -10.33
N SER E 171 51.17 -32.50 -9.72
CA SER E 171 49.78 -32.68 -10.13
C SER E 171 49.33 -34.14 -10.12
N THR E 172 49.81 -34.90 -9.14
CA THR E 172 49.49 -36.32 -9.05
C THR E 172 48.58 -36.63 -7.86
N TYR E 173 47.61 -37.50 -8.08
CA TYR E 173 46.67 -37.89 -7.04
C TYR E 173 47.26 -38.95 -6.13
N SER E 174 46.55 -39.26 -5.05
CA SER E 174 46.90 -40.37 -4.20
C SER E 174 45.61 -41.00 -3.66
N LEU E 175 45.62 -42.31 -3.53
CA LEU E 175 44.42 -43.04 -3.15
C LEU E 175 44.73 -44.01 -2.01
N SER E 176 43.79 -44.17 -1.10
CA SER E 176 43.96 -45.08 0.01
C SER E 176 42.71 -45.94 0.22
N SER E 177 42.84 -47.24 -0.05
CA SER E 177 41.76 -48.17 0.20
C SER E 177 41.97 -48.87 1.54
N THR E 178 40.92 -48.92 2.35
CA THR E 178 41.01 -49.50 3.69
C THR E 178 40.05 -50.66 3.88
N LEU E 179 40.59 -51.86 3.96
CA LEU E 179 39.80 -53.06 4.21
C LEU E 179 39.62 -53.25 5.71
N THR E 180 38.38 -53.46 6.14
CA THR E 180 38.10 -53.64 7.57
C THR E 180 37.49 -55.00 7.87
N LEU E 181 38.16 -55.76 8.72
CA LEU E 181 37.64 -57.05 9.16
C LEU E 181 37.59 -57.05 10.69
N SER E 182 36.85 -58.00 11.25
CA SER E 182 36.87 -58.20 12.69
C SER E 182 38.14 -58.97 13.03
N LYS E 183 38.49 -59.02 14.31
CA LYS E 183 39.67 -59.76 14.74
C LYS E 183 39.50 -61.25 14.43
N ALA E 184 38.27 -61.74 14.60
CA ALA E 184 37.95 -63.13 14.33
C ALA E 184 38.13 -63.47 12.84
N ASP E 185 37.57 -62.63 11.98
CA ASP E 185 37.62 -62.87 10.54
C ASP E 185 39.01 -62.66 9.96
N TYR E 186 39.81 -61.83 10.63
CA TYR E 186 41.15 -61.53 10.15
C TYR E 186 42.12 -62.68 10.40
N GLU E 187 41.96 -63.35 11.54
CA GLU E 187 42.89 -64.39 11.95
C GLU E 187 42.54 -65.78 11.41
N LYS E 188 41.54 -65.85 10.53
CA LYS E 188 41.18 -67.11 9.90
C LYS E 188 41.66 -67.16 8.44
N HIS E 189 42.49 -66.20 8.07
CA HIS E 189 43.04 -66.15 6.70
C HIS E 189 44.53 -65.80 6.72
N LYS E 190 45.21 -66.14 5.63
CA LYS E 190 46.67 -66.02 5.57
C LYS E 190 47.15 -64.91 4.65
N VAL E 191 46.79 -65.00 3.37
CA VAL E 191 47.27 -64.07 2.36
C VAL E 191 46.32 -62.89 2.15
N TYR E 192 46.86 -61.68 2.22
CA TYR E 192 46.07 -60.48 1.95
C TYR E 192 46.67 -59.70 0.78
N ALA E 193 45.90 -59.55 -0.28
CA ALA E 193 46.38 -58.91 -1.50
C ALA E 193 45.56 -57.68 -1.88
N CYS E 194 46.24 -56.68 -2.44
CA CYS E 194 45.60 -55.46 -2.91
C CYS E 194 46.07 -55.20 -4.34
N GLU E 195 45.18 -55.43 -5.31
CA GLU E 195 45.58 -55.44 -6.71
C GLU E 195 44.55 -54.75 -7.61
N VAL E 196 44.97 -54.49 -8.86
CA VAL E 196 44.12 -54.39 -10.05
C VAL E 196 44.11 -53.06 -10.83
N THR E 197 44.71 -53.12 -12.02
CA THR E 197 44.45 -52.22 -13.15
C THR E 197 44.50 -50.70 -12.95
N HIS E 198 45.42 -50.08 -13.67
CA HIS E 198 45.38 -48.65 -13.92
C HIS E 198 46.08 -48.36 -15.25
N GLN E 199 45.74 -47.23 -15.86
CA GLN E 199 46.30 -46.83 -17.15
C GLN E 199 47.82 -46.70 -17.12
N GLY E 200 48.36 -46.47 -15.92
CA GLY E 200 49.79 -46.32 -15.75
C GLY E 200 50.57 -47.60 -16.02
N LEU E 201 49.93 -48.74 -15.78
CA LEU E 201 50.56 -50.04 -16.00
C LEU E 201 49.94 -50.81 -17.15
N SER E 202 50.79 -51.53 -17.88
CA SER E 202 50.32 -52.43 -18.92
C SER E 202 49.55 -53.58 -18.27
N SER E 203 50.09 -54.08 -17.16
CA SER E 203 49.47 -55.15 -16.40
C SER E 203 49.33 -54.75 -14.93
N PRO E 204 48.18 -55.08 -14.31
CA PRO E 204 47.87 -54.78 -12.91
C PRO E 204 48.98 -55.16 -11.94
N VAL E 205 49.17 -54.36 -10.90
CA VAL E 205 50.22 -54.64 -9.91
C VAL E 205 49.62 -55.16 -8.61
N THR E 206 50.20 -56.24 -8.08
CA THR E 206 49.76 -56.81 -6.82
C THR E 206 50.78 -56.54 -5.72
N LYS E 207 50.30 -56.24 -4.53
CA LYS E 207 51.16 -56.07 -3.36
C LYS E 207 50.59 -56.86 -2.19
N SER E 208 51.24 -57.98 -1.87
CA SER E 208 50.71 -58.91 -0.88
C SER E 208 51.57 -59.00 0.38
N PHE E 209 50.99 -59.59 1.42
CA PHE E 209 51.71 -59.91 2.65
C PHE E 209 51.01 -61.05 3.37
N ASN E 210 51.78 -61.89 4.06
CA ASN E 210 51.20 -62.98 4.83
C ASN E 210 50.99 -62.59 6.28
N ARG E 211 49.88 -63.04 6.87
CA ARG E 211 49.50 -62.66 8.23
C ARG E 211 50.47 -63.22 9.28
N GLY E 212 51.11 -62.31 10.02
CA GLY E 212 51.98 -62.70 11.11
C GLY E 212 53.39 -63.08 10.68
N GLU E 213 54.01 -62.25 9.85
CA GLU E 213 55.39 -62.48 9.42
C GLU E 213 56.21 -61.20 9.47
N CYS E 214 57.35 -61.19 8.80
CA CYS E 214 58.24 -60.03 8.82
C CYS E 214 57.96 -59.07 7.67
N ASP F 1 -16.00 14.49 -18.57
CA ASP F 1 -16.69 14.89 -17.35
C ASP F 1 -18.10 14.34 -17.28
N ILE F 2 -18.32 13.49 -16.29
CA ILE F 2 -19.61 12.85 -16.09
C ILE F 2 -20.62 13.87 -15.61
N GLN F 3 -21.67 14.08 -16.40
CA GLN F 3 -22.78 14.93 -15.98
C GLN F 3 -23.96 14.06 -15.54
N MET F 4 -24.51 14.38 -14.38
CA MET F 4 -25.64 13.65 -13.83
C MET F 4 -26.93 14.37 -14.18
N THR F 5 -27.99 13.61 -14.43
CA THR F 5 -29.28 14.18 -14.78
C THR F 5 -30.36 13.46 -14.01
N GLN F 6 -31.35 14.21 -13.51
CA GLN F 6 -32.41 13.60 -12.72
C GLN F 6 -33.79 13.82 -13.34
N SER F 7 -34.69 12.89 -13.08
CA SER F 7 -36.10 13.04 -13.47
C SER F 7 -37.01 12.53 -12.37
N PRO F 8 -38.08 13.28 -12.08
CA PRO F 8 -38.38 14.56 -12.70
C PRO F 8 -37.74 15.71 -11.92
N SER F 9 -37.93 16.94 -12.39
CA SER F 9 -37.42 18.11 -11.68
C SER F 9 -38.24 18.37 -10.42
N SER F 10 -39.55 18.27 -10.55
CA SER F 10 -40.47 18.47 -9.42
C SER F 10 -41.47 17.33 -9.32
N LEU F 11 -42.02 17.13 -8.13
CA LEU F 11 -43.14 16.21 -7.96
C LEU F 11 -43.88 16.50 -6.67
N SER F 12 -45.18 16.23 -6.68
CA SER F 12 -46.03 16.43 -5.51
C SER F 12 -46.81 15.15 -5.26
N ALA F 13 -46.56 14.51 -4.12
CA ALA F 13 -47.34 13.34 -3.73
C ALA F 13 -47.91 13.50 -2.33
N SER F 14 -48.78 12.56 -1.93
CA SER F 14 -49.44 12.65 -0.63
C SER F 14 -48.67 11.92 0.47
N VAL F 15 -49.01 12.21 1.72
CA VAL F 15 -48.42 11.50 2.85
C VAL F 15 -48.79 10.04 2.78
N GLY F 16 -47.80 9.19 2.50
CA GLY F 16 -48.03 7.75 2.46
C GLY F 16 -47.89 7.19 1.06
N ASP F 17 -47.57 8.06 0.11
CA ASP F 17 -47.38 7.61 -1.27
C ASP F 17 -45.94 7.19 -1.51
N ARG F 18 -45.77 6.12 -2.29
CA ARG F 18 -44.46 5.74 -2.79
C ARG F 18 -44.01 6.80 -3.79
N VAL F 19 -42.74 7.18 -3.73
CA VAL F 19 -42.19 8.13 -4.68
C VAL F 19 -40.80 7.66 -5.11
N THR F 20 -40.52 7.73 -6.41
CA THR F 20 -39.19 7.40 -6.91
C THR F 20 -38.59 8.57 -7.69
N ILE F 21 -37.27 8.64 -7.68
CA ILE F 21 -36.56 9.68 -8.39
C ILE F 21 -35.43 9.04 -9.21
N THR F 22 -35.43 9.30 -10.52
CA THR F 22 -34.42 8.72 -11.40
C THR F 22 -33.15 9.58 -11.43
N CYS F 23 -32.01 8.91 -11.50
CA CYS F 23 -30.72 9.58 -11.68
C CYS F 23 -29.97 8.90 -12.81
N ARG F 24 -29.71 9.64 -13.88
CA ARG F 24 -28.95 9.08 -15.00
C ARG F 24 -27.56 9.69 -15.07
N ALA F 25 -26.58 8.87 -15.45
CA ALA F 25 -25.24 9.38 -15.67
C ALA F 25 -24.93 9.36 -17.17
N SER F 26 -24.15 10.35 -17.62
CA SER F 26 -23.80 10.47 -19.04
C SER F 26 -22.80 9.39 -19.45
N GLU F 27 -22.37 8.62 -18.46
CA GLU F 27 -21.31 7.63 -18.64
C GLU F 27 -21.35 6.68 -17.44
N SER F 28 -20.96 5.42 -17.66
CA SER F 28 -21.02 4.41 -16.61
C SER F 28 -20.22 4.81 -15.36
N ILE F 29 -20.85 4.70 -14.20
CA ILE F 29 -20.18 5.03 -12.94
C ILE F 29 -20.19 3.86 -11.96
N SER F 30 -20.49 2.67 -12.46
CA SER F 30 -20.56 1.45 -11.65
C SER F 30 -21.56 1.57 -10.50
N TYR F 31 -21.06 1.46 -9.28
CA TYR F 31 -21.92 1.55 -8.09
C TYR F 31 -21.56 2.76 -7.24
N SER F 32 -20.77 3.68 -7.82
CA SER F 32 -20.26 4.83 -7.06
C SER F 32 -21.19 6.04 -7.15
N LEU F 33 -22.37 5.91 -6.56
CA LEU F 33 -23.35 6.97 -6.60
C LEU F 33 -23.99 7.14 -5.24
N SER F 34 -24.22 8.39 -4.84
CA SER F 34 -24.85 8.66 -3.55
C SER F 34 -26.08 9.55 -3.70
N TRP F 35 -26.91 9.58 -2.65
CA TRP F 35 -28.12 10.41 -2.62
C TRP F 35 -28.11 11.38 -1.45
N TYR F 36 -28.38 12.65 -1.73
CA TYR F 36 -28.41 13.68 -0.69
C TYR F 36 -29.78 14.36 -0.55
N GLN F 37 -30.14 14.64 0.69
CA GLN F 37 -31.37 15.38 1.00
C GLN F 37 -31.00 16.78 1.52
N GLN F 38 -31.60 17.81 0.94
CA GLN F 38 -31.33 19.19 1.39
C GLN F 38 -32.61 19.98 1.64
N LYS F 39 -32.82 20.37 2.89
CA LYS F 39 -33.93 21.25 3.24
C LYS F 39 -33.49 22.71 3.10
N PRO F 40 -34.45 23.62 2.84
CA PRO F 40 -34.16 25.04 2.64
C PRO F 40 -33.32 25.67 3.76
N GLY F 41 -32.21 26.32 3.37
CA GLY F 41 -31.38 27.04 4.31
C GLY F 41 -30.42 26.16 5.07
N LYS F 42 -30.44 24.87 4.76
CA LYS F 42 -29.60 23.92 5.48
C LYS F 42 -28.62 23.23 4.54
N ALA F 43 -27.74 22.42 5.11
CA ALA F 43 -26.74 21.69 4.36
C ALA F 43 -27.33 20.36 3.91
N PRO F 44 -26.80 19.79 2.82
CA PRO F 44 -27.25 18.48 2.36
C PRO F 44 -27.02 17.40 3.42
N LYS F 45 -27.88 16.39 3.44
CA LYS F 45 -27.78 15.27 4.36
C LYS F 45 -27.66 13.99 3.56
N LEU F 46 -26.57 13.25 3.79
CA LEU F 46 -26.33 12.00 3.08
C LEU F 46 -27.37 10.94 3.41
N LEU F 47 -27.94 10.31 2.39
CA LEU F 47 -28.95 9.28 2.58
C LEU F 47 -28.44 7.92 2.15
N ILE F 48 -28.19 7.77 0.86
CA ILE F 48 -27.74 6.52 0.28
C ILE F 48 -26.33 6.68 -0.28
N TYR F 49 -25.42 5.76 0.04
CA TYR F 49 -24.13 5.69 -0.65
C TYR F 49 -23.94 4.29 -1.23
N ASN F 50 -23.00 4.15 -2.16
CA ASN F 50 -22.76 2.88 -2.85
C ASN F 50 -24.03 2.32 -3.50
N ALA F 51 -24.77 3.21 -4.16
CA ALA F 51 -26.03 2.86 -4.83
C ALA F 51 -27.15 2.35 -3.91
N VAL F 52 -26.85 1.42 -3.01
CA VAL F 52 -27.90 0.75 -2.24
C VAL F 52 -27.70 0.75 -0.72
N LYS F 53 -26.62 1.36 -0.24
CA LYS F 53 -26.35 1.36 1.20
C LYS F 53 -26.97 2.57 1.90
N LEU F 54 -27.79 2.29 2.90
CA LEU F 54 -28.39 3.32 3.74
C LEU F 54 -27.48 3.63 4.93
N GLU F 55 -27.13 4.90 5.11
CA GLU F 55 -26.25 5.28 6.21
C GLU F 55 -26.99 5.37 7.54
N SER F 56 -26.24 5.23 8.63
CA SER F 56 -26.78 5.27 9.98
C SER F 56 -27.58 6.53 10.27
N GLY F 57 -28.74 6.35 10.91
CA GLY F 57 -29.55 7.47 11.34
C GLY F 57 -30.63 7.87 10.35
N VAL F 58 -30.49 7.40 9.11
CA VAL F 58 -31.48 7.68 8.08
C VAL F 58 -32.58 6.64 8.11
N PRO F 59 -33.84 7.09 8.21
CA PRO F 59 -35.02 6.22 8.26
C PRO F 59 -35.08 5.27 7.06
N SER F 60 -35.36 4.00 7.32
CA SER F 60 -35.36 2.99 6.26
C SER F 60 -36.58 3.06 5.33
N ARG F 61 -37.31 4.18 5.37
CA ARG F 61 -38.34 4.41 4.37
C ARG F 61 -37.68 4.88 3.08
N PHE F 62 -36.40 5.23 3.20
CA PHE F 62 -35.56 5.56 2.06
C PHE F 62 -34.87 4.31 1.54
N SER F 63 -34.71 4.24 0.23
CA SER F 63 -34.16 3.05 -0.42
C SER F 63 -33.52 3.44 -1.73
N GLY F 64 -32.43 2.77 -2.09
CA GLY F 64 -31.75 3.04 -3.35
C GLY F 64 -31.45 1.77 -4.13
N SER F 65 -31.40 1.92 -5.45
CA SER F 65 -31.04 0.81 -6.32
C SER F 65 -30.49 1.38 -7.63
N GLY F 66 -29.89 0.52 -8.44
CA GLY F 66 -29.35 0.94 -9.72
C GLY F 66 -27.89 0.59 -9.87
N SER F 67 -27.36 0.81 -11.06
CA SER F 67 -25.95 0.54 -11.38
C SER F 67 -25.66 1.02 -12.79
N GLY F 68 -24.40 1.32 -13.08
CA GLY F 68 -24.02 1.80 -14.40
C GLY F 68 -24.41 3.23 -14.69
N THR F 69 -25.45 3.41 -15.50
CA THR F 69 -25.91 4.73 -15.90
C THR F 69 -27.31 5.05 -15.38
N ASP F 70 -27.91 4.10 -14.67
CA ASP F 70 -29.28 4.29 -14.20
C ASP F 70 -29.41 3.99 -12.72
N PHE F 71 -29.92 4.95 -11.96
CA PHE F 71 -30.08 4.81 -10.53
C PHE F 71 -31.41 5.39 -10.10
N THR F 72 -31.87 5.02 -8.92
CA THR F 72 -33.18 5.47 -8.47
C THR F 72 -33.30 5.46 -6.94
N LEU F 73 -33.84 6.57 -6.42
CA LEU F 73 -34.08 6.72 -4.98
C LEU F 73 -35.56 6.56 -4.70
N THR F 74 -35.88 5.66 -3.77
CA THR F 74 -37.27 5.35 -3.47
C THR F 74 -37.64 5.77 -2.05
N ILE F 75 -38.66 6.61 -1.94
CA ILE F 75 -39.24 6.93 -0.64
C ILE F 75 -40.55 6.15 -0.54
N SER F 76 -40.53 5.07 0.24
CA SER F 76 -41.63 4.11 0.25
C SER F 76 -42.91 4.62 0.88
N SER F 77 -42.80 5.58 1.80
CA SER F 77 -43.97 6.13 2.47
C SER F 77 -43.72 7.58 2.85
N LEU F 78 -44.23 8.49 2.02
CA LEU F 78 -43.96 9.92 2.15
C LEU F 78 -44.42 10.50 3.48
N GLN F 79 -43.53 11.24 4.13
CA GLN F 79 -43.84 11.91 5.38
C GLN F 79 -43.80 13.42 5.15
N PRO F 80 -44.51 14.20 5.98
CA PRO F 80 -44.54 15.66 5.80
C PRO F 80 -43.16 16.28 5.83
N GLU F 81 -42.23 15.69 6.58
CA GLU F 81 -40.89 16.25 6.69
C GLU F 81 -39.98 15.84 5.53
N ASP F 82 -40.54 15.15 4.53
CA ASP F 82 -39.77 14.76 3.35
C ASP F 82 -39.64 15.88 2.33
N PHE F 83 -40.36 16.98 2.58
CA PHE F 83 -40.23 18.19 1.77
C PHE F 83 -38.78 18.63 1.71
N ALA F 84 -38.20 18.61 0.52
CA ALA F 84 -36.77 18.87 0.32
C ALA F 84 -36.41 18.81 -1.16
N THR F 85 -35.17 19.15 -1.48
CA THR F 85 -34.65 18.88 -2.82
C THR F 85 -33.67 17.74 -2.70
N TYR F 86 -33.83 16.73 -3.56
CA TYR F 86 -32.99 15.54 -3.48
C TYR F 86 -31.96 15.53 -4.61
N TYR F 87 -30.69 15.41 -4.23
CA TYR F 87 -29.59 15.41 -5.20
C TYR F 87 -28.90 14.06 -5.23
N CYS F 88 -28.45 13.65 -6.41
CA CYS F 88 -27.57 12.49 -6.50
C CYS F 88 -26.14 12.95 -6.83
N LYS F 89 -25.16 12.32 -6.18
CA LYS F 89 -23.77 12.67 -6.39
C LYS F 89 -22.95 11.47 -6.84
N GLN F 90 -22.13 11.69 -7.86
CA GLN F 90 -21.27 10.65 -8.40
C GLN F 90 -19.85 10.83 -7.87
N TYR F 91 -19.28 9.78 -7.30
CA TYR F 91 -17.90 9.83 -6.82
C TYR F 91 -17.01 8.81 -7.52
N TRP F 92 -17.39 8.44 -8.74
CA TRP F 92 -16.62 7.48 -9.53
C TRP F 92 -15.42 8.14 -10.18
N ASN F 93 -15.60 9.36 -10.66
CA ASN F 93 -14.53 10.11 -11.31
C ASN F 93 -14.47 11.57 -10.89
N THR F 94 -13.30 12.16 -10.97
CA THR F 94 -13.15 13.59 -10.73
C THR F 94 -13.32 14.36 -12.05
N PRO F 95 -14.07 15.48 -12.01
CA PRO F 95 -14.70 16.08 -10.83
C PRO F 95 -15.94 15.32 -10.37
N PHE F 96 -16.17 15.29 -9.06
CA PHE F 96 -17.41 14.74 -8.52
C PHE F 96 -18.53 15.66 -8.97
N THR F 97 -19.60 15.08 -9.49
CA THR F 97 -20.67 15.90 -10.08
C THR F 97 -22.06 15.58 -9.52
N PHE F 98 -22.84 16.63 -9.29
CA PHE F 98 -24.17 16.50 -8.73
C PHE F 98 -25.26 16.59 -9.80
N GLY F 99 -26.39 15.95 -9.53
CA GLY F 99 -27.58 16.16 -10.35
C GLY F 99 -28.12 17.54 -10.05
N GLN F 100 -29.03 18.04 -10.89
CA GLN F 100 -29.52 19.40 -10.70
C GLN F 100 -30.58 19.47 -9.60
N GLY F 101 -30.96 18.32 -9.05
CA GLY F 101 -31.90 18.27 -7.95
C GLY F 101 -33.29 17.82 -8.35
N THR F 102 -34.05 17.32 -7.38
CA THR F 102 -35.45 16.97 -7.58
C THR F 102 -36.29 17.54 -6.44
N LYS F 103 -37.26 18.37 -6.79
CA LYS F 103 -38.10 19.05 -5.79
C LYS F 103 -39.31 18.21 -5.41
N VAL F 104 -39.41 17.86 -4.14
CA VAL F 104 -40.54 17.05 -3.67
C VAL F 104 -41.48 17.86 -2.78
N GLU F 105 -42.72 18.02 -3.23
CA GLU F 105 -43.74 18.74 -2.48
C GLU F 105 -44.77 17.76 -1.93
N ILE F 106 -45.33 18.08 -0.77
CA ILE F 106 -46.37 17.26 -0.14
C ILE F 106 -47.78 17.74 -0.51
N LYS F 107 -48.59 16.83 -1.06
CA LYS F 107 -50.00 17.12 -1.30
C LYS F 107 -50.81 16.92 -0.02
N ARG F 108 -51.73 17.84 0.24
CA ARG F 108 -52.59 17.75 1.42
C ARG F 108 -53.97 18.33 1.13
N THR F 109 -54.82 18.35 2.15
CA THR F 109 -56.16 18.90 2.01
C THR F 109 -56.12 20.41 1.81
N VAL F 110 -57.07 20.93 1.05
CA VAL F 110 -57.16 22.34 0.74
C VAL F 110 -57.29 23.16 2.03
N ALA F 111 -56.42 24.17 2.17
CA ALA F 111 -56.45 25.03 3.34
C ALA F 111 -56.59 26.48 2.91
N ALA F 112 -57.62 27.15 3.42
CA ALA F 112 -57.86 28.53 3.07
C ALA F 112 -56.92 29.45 3.84
N PRO F 113 -56.43 30.51 3.19
CA PRO F 113 -55.49 31.45 3.80
C PRO F 113 -56.14 32.46 4.73
N SER F 114 -55.59 32.61 5.93
CA SER F 114 -55.98 33.70 6.81
C SER F 114 -55.29 34.96 6.30
N VAL F 115 -56.04 36.05 6.15
CA VAL F 115 -55.50 37.26 5.54
C VAL F 115 -55.34 38.40 6.55
N PHE F 116 -54.29 39.20 6.36
CA PHE F 116 -54.05 40.37 7.20
C PHE F 116 -53.52 41.53 6.35
N ILE F 117 -53.89 42.75 6.73
CA ILE F 117 -53.41 43.95 6.04
C ILE F 117 -52.60 44.84 6.98
N PHE F 118 -51.44 45.29 6.52
CA PHE F 118 -50.57 46.13 7.34
C PHE F 118 -50.35 47.52 6.73
N PRO F 119 -50.74 48.57 7.46
CA PRO F 119 -50.47 49.95 7.03
C PRO F 119 -49.01 50.31 7.26
N PRO F 120 -48.48 51.25 6.48
CA PRO F 120 -47.10 51.71 6.69
C PRO F 120 -46.99 52.54 7.97
N SER F 121 -45.97 52.26 8.77
CA SER F 121 -45.76 52.98 10.02
C SER F 121 -45.33 54.41 9.77
N ASP F 122 -45.58 55.30 10.73
CA ASP F 122 -45.21 56.70 10.59
C ASP F 122 -43.71 56.89 10.49
N GLU F 123 -42.96 56.04 11.20
CA GLU F 123 -41.50 56.10 11.18
C GLU F 123 -40.97 55.92 9.76
N GLN F 124 -41.65 55.10 8.98
CA GLN F 124 -41.27 54.88 7.58
C GLN F 124 -41.64 56.07 6.70
N LEU F 125 -42.78 56.69 6.99
CA LEU F 125 -43.27 57.81 6.19
C LEU F 125 -42.33 59.00 6.16
N LYS F 126 -41.48 59.12 7.19
CA LYS F 126 -40.52 60.21 7.27
C LYS F 126 -39.56 60.19 6.08
N SER F 127 -39.06 59.00 5.75
CA SER F 127 -38.08 58.85 4.68
C SER F 127 -38.66 59.14 3.29
N GLY F 128 -39.98 59.03 3.17
CA GLY F 128 -40.66 59.43 1.94
C GLY F 128 -41.19 58.29 1.10
N THR F 129 -41.23 57.08 1.66
CA THR F 129 -41.74 55.93 0.93
C THR F 129 -42.69 55.11 1.80
N ALA F 130 -43.80 54.69 1.21
CA ALA F 130 -44.78 53.89 1.94
C ALA F 130 -44.82 52.44 1.43
N SER F 131 -44.81 51.51 2.38
CA SER F 131 -44.92 50.10 2.05
C SER F 131 -46.17 49.49 2.70
N VAL F 132 -47.13 49.11 1.86
CA VAL F 132 -48.32 48.41 2.34
C VAL F 132 -48.13 46.91 2.11
N VAL F 133 -48.37 46.12 3.17
CA VAL F 133 -48.10 44.69 3.11
C VAL F 133 -49.35 43.84 3.36
N CYS F 134 -49.68 42.97 2.40
CA CYS F 134 -50.78 42.04 2.59
C CYS F 134 -50.22 40.64 2.90
N LEU F 135 -50.78 39.99 3.92
CA LEU F 135 -50.25 38.72 4.40
C LEU F 135 -51.23 37.56 4.24
N LEU F 136 -50.87 36.59 3.41
CA LEU F 136 -51.64 35.38 3.25
C LEU F 136 -51.00 34.26 4.05
N ASN F 137 -51.73 33.71 5.00
CA ASN F 137 -51.12 32.82 6.00
C ASN F 137 -51.65 31.39 6.02
N ASN F 138 -50.70 30.44 5.98
CA ASN F 138 -50.99 29.01 6.17
C ASN F 138 -52.03 28.42 5.23
N PHE F 139 -51.76 28.46 3.93
CA PHE F 139 -52.71 27.95 2.93
C PHE F 139 -52.12 26.87 2.03
N TYR F 140 -53.01 26.08 1.43
CA TYR F 140 -52.65 25.11 0.41
C TYR F 140 -53.87 24.88 -0.48
N PRO F 141 -53.66 24.77 -1.80
CA PRO F 141 -52.40 24.77 -2.56
C PRO F 141 -51.72 26.15 -2.61
N ARG F 142 -50.52 26.20 -3.16
CA ARG F 142 -49.72 27.42 -3.16
C ARG F 142 -50.22 28.49 -4.13
N GLU F 143 -51.02 28.06 -5.10
CA GLU F 143 -51.56 28.98 -6.09
C GLU F 143 -52.61 29.91 -5.48
N ALA F 144 -52.32 31.20 -5.50
CA ALA F 144 -53.24 32.20 -4.94
C ALA F 144 -53.19 33.48 -5.78
N LYS F 145 -54.26 34.26 -5.70
CA LYS F 145 -54.34 35.52 -6.45
C LYS F 145 -54.54 36.67 -5.48
N VAL F 146 -53.74 37.73 -5.63
CA VAL F 146 -53.84 38.90 -4.77
C VAL F 146 -53.86 40.20 -5.57
N GLN F 147 -54.94 40.95 -5.44
CA GLN F 147 -55.07 42.22 -6.14
C GLN F 147 -55.14 43.39 -5.17
N TRP F 148 -54.47 44.48 -5.52
CA TRP F 148 -54.47 45.69 -4.71
C TRP F 148 -55.45 46.71 -5.24
N LYS F 149 -56.37 47.15 -4.39
CA LYS F 149 -57.31 48.19 -4.76
C LYS F 149 -57.16 49.41 -3.86
N VAL F 150 -56.76 50.53 -4.46
CA VAL F 150 -56.56 51.77 -3.73
C VAL F 150 -57.70 52.73 -4.07
N ASP F 151 -58.58 52.98 -3.10
CA ASP F 151 -59.83 53.70 -3.33
C ASP F 151 -60.62 53.03 -4.45
N ASN F 152 -60.73 51.71 -4.38
CA ASN F 152 -61.47 50.90 -5.35
C ASN F 152 -60.92 50.99 -6.78
N ALA F 153 -59.62 51.23 -6.92
CA ALA F 153 -58.97 51.26 -8.22
C ALA F 153 -57.93 50.14 -8.31
N LEU F 154 -57.99 49.37 -9.38
CA LEU F 154 -57.08 48.22 -9.53
C LEU F 154 -55.64 48.65 -9.84
N GLN F 155 -54.72 48.21 -8.99
CA GLN F 155 -53.32 48.57 -9.09
C GLN F 155 -52.57 47.64 -10.04
N SER F 156 -51.47 48.13 -10.62
CA SER F 156 -50.66 47.29 -11.51
C SER F 156 -49.22 47.79 -11.66
N GLY F 157 -48.26 46.95 -11.27
CA GLY F 157 -46.86 47.24 -11.51
C GLY F 157 -46.07 47.74 -10.31
N ASN F 158 -46.73 47.83 -9.16
CA ASN F 158 -46.09 48.36 -7.96
C ASN F 158 -45.82 47.31 -6.90
N SER F 159 -46.59 46.22 -6.93
CA SER F 159 -46.50 45.18 -5.91
C SER F 159 -45.40 44.16 -6.18
N GLN F 160 -44.95 43.51 -5.11
CA GLN F 160 -44.00 42.40 -5.20
C GLN F 160 -44.42 41.27 -4.28
N GLU F 161 -44.49 40.06 -4.83
CA GLU F 161 -44.87 38.89 -4.03
C GLU F 161 -43.67 38.05 -3.60
N SER F 162 -43.80 37.42 -2.44
CA SER F 162 -42.77 36.53 -1.93
C SER F 162 -43.44 35.37 -1.21
N VAL F 163 -42.94 34.16 -1.41
CA VAL F 163 -43.55 32.98 -0.81
C VAL F 163 -42.55 32.23 0.04
N THR F 164 -43.01 31.75 1.21
CA THR F 164 -42.18 30.92 2.07
C THR F 164 -42.13 29.50 1.54
N GLU F 165 -41.13 28.75 1.96
CA GLU F 165 -41.06 27.34 1.58
C GLU F 165 -42.11 26.56 2.36
N GLN F 166 -42.47 25.38 1.86
CA GLN F 166 -43.50 24.57 2.48
C GLN F 166 -43.15 24.16 3.91
N ASP F 167 -44.14 24.22 4.79
CA ASP F 167 -43.96 23.85 6.19
C ASP F 167 -43.64 22.37 6.32
N SER F 168 -42.79 22.03 7.27
CA SER F 168 -42.36 20.65 7.46
C SER F 168 -43.32 19.85 8.34
N LYS F 169 -44.28 20.52 8.96
CA LYS F 169 -45.24 19.86 9.84
C LYS F 169 -46.66 19.79 9.27
N ASP F 170 -47.19 20.93 8.82
CA ASP F 170 -48.55 20.96 8.29
C ASP F 170 -48.62 21.24 6.79
N SER F 171 -47.45 21.36 6.17
CA SER F 171 -47.33 21.46 4.71
C SER F 171 -48.06 22.63 4.08
N THR F 172 -48.17 23.75 4.80
CA THR F 172 -48.81 24.95 4.28
C THR F 172 -47.80 25.98 3.79
N TYR F 173 -48.28 26.98 3.08
CA TYR F 173 -47.44 28.08 2.62
C TYR F 173 -47.89 29.39 3.25
N SER F 174 -47.10 30.44 3.04
CA SER F 174 -47.47 31.79 3.45
C SER F 174 -46.99 32.75 2.38
N LEU F 175 -47.84 33.69 2.00
CA LEU F 175 -47.50 34.62 0.93
C LEU F 175 -47.62 36.06 1.39
N SER F 176 -46.60 36.86 1.09
CA SER F 176 -46.63 38.28 1.38
C SER F 176 -46.73 39.06 0.08
N SER F 177 -47.45 40.18 0.12
CA SER F 177 -47.55 41.08 -1.02
C SER F 177 -47.27 42.50 -0.56
N THR F 178 -46.26 43.13 -1.15
CA THR F 178 -45.87 44.46 -0.74
C THR F 178 -46.18 45.49 -1.82
N LEU F 179 -47.02 46.47 -1.48
CA LEU F 179 -47.36 47.54 -2.40
C LEU F 179 -46.48 48.76 -2.11
N THR F 180 -45.69 49.18 -3.10
CA THR F 180 -44.73 50.26 -2.90
C THR F 180 -45.07 51.52 -3.67
N LEU F 181 -45.33 52.60 -2.93
CA LEU F 181 -45.59 53.89 -3.55
C LEU F 181 -45.00 55.02 -2.70
N SER F 182 -44.77 56.17 -3.31
CA SER F 182 -44.12 57.28 -2.62
C SER F 182 -44.99 57.88 -1.51
N LYS F 183 -44.39 58.74 -0.70
CA LYS F 183 -45.12 59.45 0.35
C LYS F 183 -46.19 60.34 -0.27
N ALA F 184 -45.88 60.89 -1.44
CA ALA F 184 -46.82 61.76 -2.14
C ALA F 184 -48.07 60.99 -2.59
N ASP F 185 -47.85 59.87 -3.27
CA ASP F 185 -48.94 59.05 -3.79
C ASP F 185 -49.74 58.38 -2.68
N TYR F 186 -49.08 58.07 -1.56
CA TYR F 186 -49.75 57.42 -0.46
C TYR F 186 -50.73 58.37 0.25
N GLU F 187 -50.39 59.66 0.26
CA GLU F 187 -51.19 60.65 0.97
C GLU F 187 -52.24 61.34 0.10
N LYS F 188 -52.55 60.74 -1.05
CA LYS F 188 -53.59 61.26 -1.92
C LYS F 188 -54.70 60.23 -2.16
N HIS F 189 -54.81 59.28 -1.23
CA HIS F 189 -55.85 58.25 -1.31
C HIS F 189 -56.34 57.88 0.10
N LYS F 190 -57.45 57.15 0.17
CA LYS F 190 -58.02 56.77 1.45
C LYS F 190 -58.05 55.25 1.67
N VAL F 191 -58.98 54.58 0.99
CA VAL F 191 -59.17 53.14 1.15
C VAL F 191 -58.07 52.33 0.47
N TYR F 192 -57.36 51.53 1.28
CA TYR F 192 -56.36 50.60 0.78
C TYR F 192 -56.79 49.17 1.06
N ALA F 193 -57.11 48.44 -0.01
CA ALA F 193 -57.69 47.10 0.14
C ALA F 193 -56.86 46.01 -0.54
N CYS F 194 -56.89 44.83 0.06
CA CYS F 194 -56.21 43.66 -0.50
C CYS F 194 -57.23 42.54 -0.75
N GLU F 195 -57.40 42.18 -2.03
CA GLU F 195 -58.38 41.17 -2.40
C GLU F 195 -57.71 39.83 -2.72
N VAL F 196 -58.09 38.80 -1.97
CA VAL F 196 -57.46 37.48 -2.10
C VAL F 196 -58.41 36.45 -2.70
N THR F 197 -57.97 35.81 -3.78
CA THR F 197 -58.75 34.73 -4.39
C THR F 197 -58.01 33.41 -4.26
N HIS F 198 -58.68 32.40 -3.74
CA HIS F 198 -58.05 31.10 -3.50
C HIS F 198 -59.06 29.96 -3.60
N GLN F 199 -58.55 28.75 -3.80
CA GLN F 199 -59.40 27.57 -3.97
C GLN F 199 -60.14 27.21 -2.68
N GLY F 200 -59.53 27.53 -1.54
CA GLY F 200 -60.14 27.27 -0.25
C GLY F 200 -61.22 28.27 0.09
N LEU F 201 -61.24 29.36 -0.65
CA LEU F 201 -62.23 30.43 -0.47
C LEU F 201 -63.44 30.21 -1.36
N SER F 202 -64.62 30.14 -0.74
CA SER F 202 -65.87 30.06 -1.49
C SER F 202 -66.11 31.40 -2.16
N SER F 203 -65.58 32.44 -1.54
CA SER F 203 -65.70 33.80 -2.04
C SER F 203 -64.46 34.58 -1.63
N PRO F 204 -63.92 35.40 -2.55
CA PRO F 204 -62.69 36.18 -2.32
C PRO F 204 -62.76 37.03 -1.05
N VAL F 205 -61.72 36.95 -0.23
CA VAL F 205 -61.66 37.69 1.03
C VAL F 205 -60.95 39.03 0.85
N THR F 206 -61.52 40.08 1.44
CA THR F 206 -60.94 41.42 1.30
C THR F 206 -60.58 42.02 2.65
N LYS F 207 -59.31 42.39 2.81
CA LYS F 207 -58.85 43.08 4.02
C LYS F 207 -58.44 44.51 3.65
N SER F 208 -58.89 45.47 4.44
CA SER F 208 -58.68 46.87 4.10
C SER F 208 -58.55 47.79 5.31
N PHE F 209 -57.92 48.94 5.09
CA PHE F 209 -57.84 49.98 6.10
C PHE F 209 -57.96 51.35 5.45
N ASN F 210 -58.27 52.37 6.24
CA ASN F 210 -58.40 53.73 5.74
C ASN F 210 -57.05 54.44 5.66
N ARG F 211 -56.93 55.56 6.38
CA ARG F 211 -55.68 56.31 6.40
C ARG F 211 -55.66 57.34 7.54
N GLY F 212 -54.54 57.41 8.25
CA GLY F 212 -54.37 58.40 9.30
C GLY F 212 -55.14 58.07 10.56
N GLU F 213 -55.62 56.83 10.64
CA GLU F 213 -56.35 56.36 11.82
C GLU F 213 -55.43 55.60 12.76
N CYS F 214 -55.91 55.32 13.97
CA CYS F 214 -55.12 54.64 14.99
C CYS F 214 -54.71 53.24 14.56
#